data_7B08
#
_entry.id   7B08
#
_cell.length_a   65.060
_cell.length_b   105.220
_cell.length_c   152.860
_cell.angle_alpha   90.000
_cell.angle_beta   90.000
_cell.angle_gamma   90.000
#
_symmetry.space_group_name_H-M   'P 21 21 21'
#
loop_
_entity.id
_entity.type
_entity.pdbx_description
1 polymer 'DNA polymerase'
2 non-polymer "THYMIDINE-5'-TRIPHOSPHATE"
3 non-polymer 'TRIETHYLENE GLYCOL'
4 water water
#
_entity_poly.entity_id   1
_entity_poly.type   'polypeptide(L)'
_entity_poly.pdbx_seq_one_letter_code
;MILDTDYITEDGKPVIRIFKKENGEFKIDYDRNFEPYIYALLKDDSAIEDVKKITAERHGTTVRVVRAEKVKKKFLGRPI
EVWKLYFTHPQDQPAIRDKIKEHPAVVDIYEYDIPFAKRYLIDKGLIPMEGDEELKMLAFAIATLYHEGEEFAEGPILMI
SYADEEGARVITWKNIDLPYVDVVSTEKEMIKRFLKVVKEKDPDVLITYNGDNFDFAYLKKRSEKLGVKFILGREGSEPK
IQRMGDRFAVEVKGRIHFDLYPVIRRTINLPTYTLEAVYEAIFGQPKEKVYAEEIAQAWETGEGLERVARYSMEDAKVTY
ELGKEFFPMEAQLSRLVGQSLWDVSRSSTGNLVEWFLLRKAYERNELAPNKPDERELARRRESYAGGYVKEPERGLWENI
VYLDFRSLYPSIIITHNVSPDTLNREGCEEYDVAPQVGHKFCKDFPGFIPSLLGDLLEERQKVKKKMKATIDPIEKKLLD
YRQRLIKILANSFYGYYGYAKARWYCKECAESVTAWGRQYIETTIREIEEKFGFKVLYADTDGFFATIPGADAETVKKKA
KEFLDYINAKLPGLLELEYEGFYKRGFFVTKKKYAVIDEEDKITTRGLEIVRRDWSEIAKETQARVLEAILKHGDVEEAV
RIVKEVTEKLSKYEVPPEKLVIYEQITRDLKDYKATGPHVAVAKRLAARGIKIRPGTVISYIVLKGSGRIGDRAIPFDEF
DPAKHKYDAEYYIENQVLPAVERILRAFGYRKEDLRYQKTRQVGLGAWLKPKT
;
_entity_poly.pdbx_strand_id   A
#
loop_
_chem_comp.id
_chem_comp.type
_chem_comp.name
_chem_comp.formula
PGE non-polymer 'TRIETHYLENE GLYCOL' 'C6 H14 O4'
TTP non-polymer THYMIDINE-5'-TRIPHOSPHATE 'C10 H17 N2 O14 P3'
#
# COMPACT_ATOMS: atom_id res chain seq x y z
N MET A 1 -5.21 10.73 24.96
CA MET A 1 -4.32 10.05 24.03
C MET A 1 -3.39 11.00 23.31
N ILE A 2 -2.24 10.48 22.89
CA ILE A 2 -1.24 11.24 22.16
C ILE A 2 -1.57 11.26 20.68
N LEU A 3 -1.66 12.46 20.11
CA LEU A 3 -1.95 12.63 18.70
C LEU A 3 -0.64 12.72 17.91
N ASP A 4 0.28 13.57 18.37
CA ASP A 4 1.56 13.77 17.70
C ASP A 4 2.58 14.44 18.62
N THR A 5 3.85 14.49 18.18
CA THR A 5 4.91 15.21 18.84
C THR A 5 5.73 16.01 17.82
N ASP A 6 6.37 17.07 18.26
CA ASP A 6 7.29 17.86 17.45
C ASP A 6 8.22 18.67 18.38
N TYR A 7 9.00 19.60 17.82
CA TYR A 7 9.82 20.48 18.63
C TYR A 7 9.92 21.86 18.04
N ILE A 8 10.03 22.84 18.91
CA ILE A 8 10.32 24.22 18.55
C ILE A 8 11.65 24.57 19.24
N THR A 9 12.33 25.59 18.75
CA THR A 9 13.59 26.02 19.34
C THR A 9 13.41 27.38 19.98
N GLU A 10 13.80 27.48 21.24
CA GLU A 10 13.66 28.73 21.97
C GLU A 10 15.00 29.10 22.56
N ASP A 11 15.61 30.16 22.05
CA ASP A 11 16.92 30.63 22.48
C ASP A 11 17.99 29.54 22.31
N GLY A 12 17.91 28.80 21.21
CA GLY A 12 18.87 27.76 20.90
C GLY A 12 18.61 26.41 21.54
N LYS A 13 17.58 26.32 22.38
CA LYS A 13 17.26 25.08 23.05
C LYS A 13 16.00 24.43 22.50
N PRO A 14 16.05 23.10 22.25
CA PRO A 14 14.86 22.39 21.73
C PRO A 14 13.82 22.13 22.80
N VAL A 15 12.56 22.32 22.46
CA VAL A 15 11.45 22.08 23.38
C VAL A 15 10.47 21.15 22.71
N ILE A 16 10.30 19.95 23.26
CA ILE A 16 9.38 18.96 22.72
C ILE A 16 7.95 19.39 23.04
N ARG A 17 7.05 19.25 22.08
CA ARG A 17 5.63 19.51 22.30
C ARG A 17 4.86 18.22 22.09
N ILE A 18 4.07 17.81 23.08
CA ILE A 18 3.23 16.63 22.98
C ILE A 18 1.79 17.07 22.82
N PHE A 19 1.21 16.82 21.64
CA PHE A 19 -0.19 17.17 21.39
C PHE A 19 -1.09 16.03 21.85
N LYS A 20 -2.00 16.31 22.79
CA LYS A 20 -2.86 15.27 23.36
C LYS A 20 -4.34 15.62 23.38
N LYS A 21 -5.20 14.60 23.47
CA LYS A 21 -6.64 14.78 23.59
C LYS A 21 -7.09 13.93 24.78
N GLU A 22 -7.28 14.53 25.97
CA GLU A 22 -7.66 13.79 27.17
C GLU A 22 -8.99 14.28 27.72
N ASN A 23 -9.93 13.36 27.94
CA ASN A 23 -11.26 13.65 28.49
C ASN A 23 -11.98 14.79 27.75
N GLY A 24 -11.93 14.74 26.42
CA GLY A 24 -12.55 15.73 25.56
C GLY A 24 -11.88 17.09 25.63
N GLU A 25 -10.58 17.13 25.99
CA GLU A 25 -9.85 18.38 26.09
C GLU A 25 -8.52 18.31 25.34
N PHE A 26 -8.25 19.29 24.49
CA PHE A 26 -6.99 19.35 23.77
C PHE A 26 -5.92 19.88 24.74
N LYS A 27 -4.73 19.26 24.76
CA LYS A 27 -3.67 19.68 25.67
C LYS A 27 -2.31 19.65 25.00
N ILE A 28 -1.43 20.59 25.36
CA ILE A 28 -0.06 20.61 24.85
C ILE A 28 0.87 20.51 26.03
N ASP A 29 1.70 19.47 26.08
CA ASP A 29 2.68 19.31 27.14
C ASP A 29 4.05 19.65 26.60
N TYR A 30 4.91 20.21 27.45
CA TYR A 30 6.23 20.64 27.02
C TYR A 30 7.33 19.93 27.77
N ASP A 31 8.42 19.62 27.07
CA ASP A 31 9.58 19.00 27.69
C ASP A 31 10.81 19.75 27.21
N ARG A 32 11.45 20.45 28.14
CA ARG A 32 12.67 21.22 27.85
C ARG A 32 13.95 20.51 28.26
N ASN A 33 13.86 19.26 28.76
CA ASN A 33 14.99 18.51 29.27
C ASN A 33 15.37 17.28 28.45
N PHE A 34 14.78 17.07 27.27
CA PHE A 34 15.16 15.92 26.44
C PHE A 34 16.39 16.31 25.65
N GLU A 35 17.50 15.62 25.91
CA GLU A 35 18.76 15.91 25.23
C GLU A 35 18.97 15.04 24.02
N PRO A 36 19.30 15.63 22.88
CA PRO A 36 19.68 14.81 21.71
C PRO A 36 21.05 14.17 21.95
N TYR A 37 21.28 13.06 21.27
CA TYR A 37 22.52 12.30 21.44
C TYR A 37 22.78 11.37 20.28
N ILE A 38 24.04 10.94 20.14
CA ILE A 38 24.49 9.94 19.19
C ILE A 38 25.44 8.94 19.91
N TYR A 39 25.76 7.79 19.28
CA TYR A 39 26.75 6.89 19.87
C TYR A 39 28.04 6.89 19.04
N ALA A 40 29.17 6.60 19.68
CA ALA A 40 30.45 6.52 18.98
C ALA A 40 31.25 5.33 19.51
N LEU A 41 31.75 4.48 18.61
CA LEU A 41 32.58 3.36 19.00
C LEU A 41 34.02 3.78 18.85
N LEU A 42 34.80 3.74 19.94
CA LEU A 42 36.19 4.16 19.90
C LEU A 42 37.13 2.97 20.01
N LYS A 43 38.33 3.11 19.41
CA LYS A 43 39.38 2.10 19.52
C LYS A 43 40.03 2.13 20.91
N ASP A 44 40.09 3.32 21.54
CA ASP A 44 40.66 3.48 22.86
C ASP A 44 39.82 4.49 23.65
N ASP A 45 39.55 4.18 24.93
CA ASP A 45 38.79 5.07 25.80
C ASP A 45 39.51 6.38 26.06
N SER A 46 40.85 6.40 25.99
CA SER A 46 41.65 7.61 26.19
C SER A 46 41.35 8.67 25.10
N ALA A 47 40.88 8.23 23.92
CA ALA A 47 40.55 9.12 22.82
C ALA A 47 39.30 9.97 23.06
N ILE A 48 38.53 9.71 24.14
CA ILE A 48 37.32 10.46 24.43
C ILE A 48 37.60 11.95 24.66
N GLU A 49 38.78 12.27 25.21
CA GLU A 49 39.16 13.64 25.46
C GLU A 49 39.39 14.43 24.16
N ASP A 50 39.83 13.73 23.10
CA ASP A 50 40.02 14.33 21.78
C ASP A 50 38.64 14.55 21.13
N VAL A 51 37.70 13.62 21.32
CA VAL A 51 36.35 13.70 20.76
C VAL A 51 35.54 14.83 21.41
N LYS A 52 35.76 15.07 22.71
CA LYS A 52 35.07 16.13 23.44
C LYS A 52 35.40 17.52 22.87
N LYS A 53 36.64 17.70 22.40
CA LYS A 53 37.10 18.96 21.85
C LYS A 53 36.74 19.18 20.37
N ILE A 54 36.04 18.23 19.75
CA ILE A 54 35.64 18.37 18.35
C ILE A 54 34.51 19.39 18.25
N THR A 55 34.67 20.36 17.36
CA THR A 55 33.67 21.41 17.18
C THR A 55 33.26 21.57 15.73
N ALA A 56 32.07 22.09 15.51
CA ALA A 56 31.54 22.39 14.19
C ALA A 56 30.75 23.74 14.27
N GLU A 57 30.12 24.23 13.17
CA GLU A 57 29.35 25.47 13.24
C GLU A 57 27.97 25.32 12.60
N ARG A 58 26.96 25.91 13.22
CA ARG A 58 25.62 25.86 12.69
C ARG A 58 25.36 27.16 11.91
N HIS A 59 25.02 28.25 12.59
CA HIS A 59 24.80 29.54 11.94
C HIS A 59 25.59 30.57 12.70
N GLY A 60 26.91 30.54 12.55
CA GLY A 60 27.81 31.44 13.26
C GLY A 60 28.17 30.92 14.64
N THR A 61 27.23 30.19 15.26
CA THR A 61 27.36 29.60 16.58
C THR A 61 28.23 28.33 16.52
N THR A 62 29.11 28.17 17.50
CA THR A 62 29.98 27.00 17.58
C THR A 62 29.25 25.84 18.25
N VAL A 63 29.11 24.72 17.54
CA VAL A 63 28.48 23.54 18.11
C VAL A 63 29.55 22.61 18.70
N ARG A 64 29.30 22.13 19.91
CA ARG A 64 30.25 21.24 20.57
C ARG A 64 29.55 20.08 21.31
N VAL A 65 30.34 19.14 21.82
CA VAL A 65 29.82 18.02 22.55
C VAL A 65 29.55 18.47 23.98
N VAL A 66 28.29 18.47 24.41
CA VAL A 66 27.93 18.88 25.77
C VAL A 66 28.58 18.00 26.85
N ARG A 67 28.31 16.70 26.81
CA ARG A 67 28.88 15.75 27.75
C ARG A 67 28.87 14.35 27.16
N ALA A 68 29.68 13.46 27.72
CA ALA A 68 29.75 12.08 27.25
C ALA A 68 29.65 11.11 28.41
N GLU A 69 29.14 9.92 28.14
CA GLU A 69 29.09 8.86 29.14
C GLU A 69 29.22 7.49 28.47
N LYS A 70 30.02 6.60 29.07
CA LYS A 70 30.23 5.27 28.51
C LYS A 70 29.06 4.36 28.88
N VAL A 71 28.47 3.71 27.89
CA VAL A 71 27.34 2.81 28.10
C VAL A 71 27.58 1.43 27.51
N LYS A 72 26.90 0.42 28.04
CA LYS A 72 27.03 -0.96 27.57
C LYS A 72 25.77 -1.34 26.82
N LYS A 73 25.90 -1.67 25.55
CA LYS A 73 24.75 -2.05 24.73
C LYS A 73 25.05 -3.36 23.98
N LYS A 74 24.05 -3.91 23.29
CA LYS A 74 24.25 -5.09 22.47
C LYS A 74 24.26 -4.63 21.01
N PHE A 75 25.13 -5.21 20.18
CA PHE A 75 25.20 -4.85 18.78
C PHE A 75 25.32 -6.10 17.97
N LEU A 76 24.20 -6.50 17.38
CA LEU A 76 24.07 -7.71 16.61
C LEU A 76 24.42 -8.94 17.47
N GLY A 77 23.87 -8.97 18.68
CA GLY A 77 24.03 -10.08 19.60
C GLY A 77 25.32 -10.11 20.40
N ARG A 78 26.27 -9.26 20.06
CA ARG A 78 27.54 -9.20 20.77
C ARG A 78 27.54 -7.99 21.68
N PRO A 79 28.07 -8.13 22.91
CA PRO A 79 28.16 -6.96 23.81
C PRO A 79 29.12 -5.91 23.28
N ILE A 80 28.81 -4.64 23.51
CA ILE A 80 29.62 -3.54 23.03
C ILE A 80 29.60 -2.39 24.03
N GLU A 81 30.72 -1.69 24.12
CA GLU A 81 30.82 -0.49 24.95
C GLU A 81 31.04 0.68 24.02
N VAL A 82 30.08 1.62 23.99
CA VAL A 82 30.13 2.81 23.14
C VAL A 82 29.97 4.09 23.98
N TRP A 83 30.38 5.24 23.42
CA TRP A 83 30.23 6.51 24.11
C TRP A 83 28.97 7.23 23.66
N LYS A 84 28.10 7.56 24.61
CA LYS A 84 26.88 8.29 24.33
C LYS A 84 27.25 9.78 24.39
N LEU A 85 27.26 10.44 23.22
CA LEU A 85 27.64 11.85 23.13
C LEU A 85 26.38 12.69 23.13
N TYR A 86 26.27 13.61 24.09
CA TYR A 86 25.11 14.49 24.18
C TYR A 86 25.36 15.82 23.48
N PHE A 87 24.28 16.45 23.01
CA PHE A 87 24.35 17.74 22.32
C PHE A 87 23.28 18.69 22.84
N THR A 88 23.42 19.99 22.52
CA THR A 88 22.46 20.98 22.98
C THR A 88 21.20 20.92 22.12
N HIS A 89 21.38 20.80 20.80
CA HIS A 89 20.28 20.83 19.84
C HIS A 89 20.35 19.68 18.82
N PRO A 90 19.19 19.10 18.43
CA PRO A 90 19.20 18.03 17.44
C PRO A 90 19.89 18.38 16.12
N GLN A 91 19.82 19.65 15.71
CA GLN A 91 20.45 20.09 14.46
C GLN A 91 21.99 20.22 14.55
N ASP A 92 22.57 20.01 15.74
CA ASP A 92 24.01 19.97 15.93
C ASP A 92 24.55 18.68 15.31
N GLN A 93 23.79 17.57 15.42
CA GLN A 93 24.16 16.26 14.91
C GLN A 93 24.53 16.26 13.42
N PRO A 94 23.70 16.75 12.47
CA PRO A 94 24.14 16.75 11.06
C PRO A 94 25.37 17.59 10.79
N ALA A 95 25.60 18.62 11.64
CA ALA A 95 26.71 19.55 11.50
C ALA A 95 28.05 19.01 12.01
N ILE A 96 28.03 18.09 12.99
CA ILE A 96 29.27 17.60 13.59
C ILE A 96 29.54 16.12 13.38
N ARG A 97 28.51 15.33 13.02
CA ARG A 97 28.66 13.88 12.89
C ARG A 97 29.74 13.44 11.93
N ASP A 98 29.95 14.16 10.84
CA ASP A 98 30.98 13.81 9.88
C ASP A 98 32.37 14.08 10.44
N LYS A 99 32.53 15.19 11.19
CA LYS A 99 33.82 15.52 11.80
C LYS A 99 34.20 14.52 12.90
N ILE A 100 33.20 13.97 13.60
CA ILE A 100 33.44 12.98 14.63
C ILE A 100 33.78 11.63 13.98
N LYS A 101 33.07 11.26 12.91
CA LYS A 101 33.30 10.02 12.17
C LYS A 101 34.70 9.97 11.53
N GLU A 102 35.13 11.10 10.94
CA GLU A 102 36.44 11.21 10.28
C GLU A 102 37.63 11.18 11.25
N HIS A 103 37.36 11.22 12.56
CA HIS A 103 38.43 11.13 13.55
C HIS A 103 39.03 9.73 13.50
N PRO A 104 40.39 9.66 13.45
CA PRO A 104 41.06 8.35 13.30
C PRO A 104 40.71 7.31 14.36
N ALA A 105 40.59 7.73 15.62
CA ALA A 105 40.26 6.82 16.71
C ALA A 105 38.78 6.40 16.75
N VAL A 106 37.95 6.93 15.85
CA VAL A 106 36.53 6.60 15.82
C VAL A 106 36.26 5.49 14.82
N VAL A 107 35.90 4.31 15.32
CA VAL A 107 35.59 3.16 14.48
C VAL A 107 34.31 3.47 13.70
N ASP A 108 33.28 3.97 14.39
CA ASP A 108 32.01 4.29 13.74
C ASP A 108 31.08 5.07 14.69
N ILE A 109 30.05 5.70 14.13
CA ILE A 109 29.02 6.41 14.89
C ILE A 109 27.65 5.81 14.59
N TYR A 110 26.72 5.90 15.55
CA TYR A 110 25.41 5.26 15.40
C TYR A 110 24.28 6.14 15.90
N GLU A 111 23.05 5.91 15.38
CA GLU A 111 21.82 6.60 15.78
C GLU A 111 21.99 8.11 15.74
N TYR A 112 22.54 8.59 14.64
CA TYR A 112 22.82 10.00 14.41
C TYR A 112 21.83 10.71 13.49
N ASP A 113 20.87 9.98 12.91
CA ASP A 113 19.91 10.56 11.98
C ASP A 113 18.48 10.18 12.34
N ILE A 114 18.18 10.14 13.63
CA ILE A 114 16.84 9.80 14.11
C ILE A 114 16.15 11.08 14.51
N PRO A 115 15.07 11.45 13.81
CA PRO A 115 14.35 12.69 14.13
C PRO A 115 13.98 12.82 15.60
N PHE A 116 14.35 13.95 16.18
CA PHE A 116 14.16 14.29 17.57
C PHE A 116 12.79 13.96 18.15
N ALA A 117 11.71 14.34 17.47
CA ALA A 117 10.35 14.11 17.95
C ALA A 117 9.98 12.64 17.97
N LYS A 118 10.53 11.87 17.03
CA LYS A 118 10.30 10.43 16.94
C LYS A 118 11.16 9.72 17.98
N ARG A 119 12.40 10.19 18.16
CA ARG A 119 13.33 9.71 19.18
C ARG A 119 12.70 9.90 20.57
N TYR A 120 11.92 10.97 20.77
CA TYR A 120 11.27 11.23 22.05
C TYR A 120 10.20 10.19 22.36
N LEU A 121 9.38 9.84 21.36
CA LEU A 121 8.31 8.85 21.53
C LEU A 121 8.86 7.48 21.88
N ILE A 122 9.96 7.10 21.22
CA ILE A 122 10.60 5.82 21.46
C ILE A 122 11.22 5.80 22.84
N ASP A 123 12.07 6.80 23.15
CA ASP A 123 12.80 6.86 24.40
C ASP A 123 11.92 6.98 25.63
N LYS A 124 10.84 7.73 25.52
CA LYS A 124 9.90 7.89 26.62
C LYS A 124 8.86 6.77 26.72
N GLY A 125 8.87 5.83 25.76
CA GLY A 125 7.94 4.71 25.71
C GLY A 125 6.51 5.12 25.40
N LEU A 126 6.34 6.26 24.74
CA LEU A 126 5.02 6.79 24.43
C LEU A 126 4.44 6.21 23.15
N ILE A 127 3.16 5.82 23.19
CA ILE A 127 2.46 5.25 22.05
C ILE A 127 1.28 6.14 21.66
N PRO A 128 1.32 6.68 20.42
CA PRO A 128 0.21 7.52 19.96
C PRO A 128 -1.05 6.71 19.69
N MET A 129 -2.20 7.37 19.72
CA MET A 129 -3.51 6.81 19.41
C MET A 129 -3.95 5.71 20.35
N GLU A 130 -3.49 5.74 21.60
CA GLU A 130 -3.86 4.71 22.55
C GLU A 130 -5.00 5.15 23.45
N GLY A 131 -5.98 4.28 23.65
CA GLY A 131 -7.09 4.58 24.51
C GLY A 131 -8.42 4.65 23.81
N ASP A 132 -9.46 5.01 24.57
CA ASP A 132 -10.83 5.08 24.07
C ASP A 132 -11.34 6.50 23.90
N GLU A 133 -10.43 7.42 23.55
CA GLU A 133 -10.82 8.81 23.31
C GLU A 133 -11.46 8.91 21.94
N GLU A 134 -12.62 9.60 21.86
CA GLU A 134 -13.32 9.77 20.59
C GLU A 134 -12.93 11.08 19.90
N LEU A 135 -12.34 10.99 18.71
CA LEU A 135 -11.88 12.16 17.99
C LEU A 135 -12.96 12.80 17.13
N LYS A 136 -12.97 14.13 17.09
CA LYS A 136 -13.91 14.88 16.26
C LYS A 136 -13.25 15.07 14.89
N MET A 137 -13.97 14.73 13.81
CA MET A 137 -13.40 14.83 12.47
C MET A 137 -14.17 15.79 11.59
N LEU A 138 -13.48 16.35 10.61
CA LEU A 138 -14.09 17.25 9.65
C LEU A 138 -13.40 17.10 8.31
N ALA A 139 -14.17 16.80 7.27
CA ALA A 139 -13.62 16.70 5.92
C ALA A 139 -13.89 18.00 5.18
N PHE A 140 -13.06 18.31 4.19
CA PHE A 140 -13.26 19.52 3.40
C PHE A 140 -12.72 19.34 1.98
N ALA A 141 -13.25 20.14 1.06
CA ALA A 141 -12.87 20.15 -0.35
C ALA A 141 -13.10 21.54 -0.93
N ILE A 142 -12.43 21.85 -2.04
CA ILE A 142 -12.57 23.15 -2.68
C ILE A 142 -12.89 22.99 -4.17
N ALA A 143 -13.53 24.02 -4.74
CA ALA A 143 -13.84 24.10 -6.16
C ALA A 143 -13.17 25.37 -6.67
N THR A 144 -12.47 25.28 -7.81
CA THR A 144 -11.70 26.42 -8.31
C THR A 144 -12.05 26.82 -9.74
N LEU A 145 -11.69 28.07 -10.12
CA LEU A 145 -11.91 28.56 -11.48
C LEU A 145 -10.66 28.20 -12.28
N TYR A 146 -10.82 27.27 -13.25
CA TYR A 146 -9.69 26.82 -14.04
C TYR A 146 -9.68 27.33 -15.46
N HIS A 147 -8.52 27.76 -15.91
CA HIS A 147 -8.28 28.18 -17.28
C HIS A 147 -6.98 27.55 -17.76
N GLU A 148 -6.99 26.99 -18.97
CA GLU A 148 -5.82 26.31 -19.51
C GLU A 148 -4.78 27.34 -19.91
N GLY A 149 -3.57 27.16 -19.42
CA GLY A 149 -2.47 28.07 -19.71
C GLY A 149 -2.19 29.10 -18.64
N GLU A 150 -2.79 28.93 -17.45
CA GLU A 150 -2.56 29.85 -16.34
C GLU A 150 -1.73 29.20 -15.23
N GLU A 151 -1.07 30.04 -14.42
CA GLU A 151 -0.25 29.54 -13.32
C GLU A 151 -1.10 28.86 -12.25
N PHE A 152 -0.45 28.18 -11.29
CA PHE A 152 -1.16 27.53 -10.21
C PHE A 152 -1.82 28.58 -9.33
N ALA A 153 -3.10 28.35 -9.01
CA ALA A 153 -3.92 29.23 -8.20
C ALA A 153 -4.05 30.65 -8.72
N GLU A 154 -4.00 30.81 -10.06
CA GLU A 154 -4.21 32.12 -10.68
C GLU A 154 -5.70 32.52 -10.57
N GLY A 155 -6.58 31.53 -10.71
CA GLY A 155 -8.01 31.71 -10.56
C GLY A 155 -8.43 31.57 -9.11
N PRO A 156 -9.52 32.24 -8.74
CA PRO A 156 -9.98 32.18 -7.34
C PRO A 156 -10.63 30.87 -6.93
N ILE A 157 -10.79 30.67 -5.63
CA ILE A 157 -11.52 29.53 -5.11
C ILE A 157 -12.99 29.94 -5.21
N LEU A 158 -13.80 29.10 -5.84
CA LEU A 158 -15.20 29.37 -6.06
C LEU A 158 -16.04 28.91 -4.89
N MET A 159 -15.77 27.71 -4.36
CA MET A 159 -16.51 27.15 -3.25
C MET A 159 -15.63 26.37 -2.29
N ILE A 160 -15.99 26.38 -1.01
CA ILE A 160 -15.32 25.57 0.00
C ILE A 160 -16.41 24.76 0.68
N SER A 161 -16.33 23.42 0.58
CA SER A 161 -17.31 22.57 1.23
C SER A 161 -16.69 21.80 2.40
N TYR A 162 -17.52 21.45 3.38
CA TYR A 162 -17.08 20.70 4.54
C TYR A 162 -18.18 19.73 5.01
N ALA A 163 -17.78 18.62 5.66
CA ALA A 163 -18.76 17.65 6.13
C ALA A 163 -18.33 16.92 7.39
N ASP A 164 -19.31 16.61 8.23
CA ASP A 164 -19.13 15.86 9.47
C ASP A 164 -20.45 15.13 9.82
N GLU A 165 -20.62 14.70 11.09
CA GLU A 165 -21.83 14.04 11.53
C GLU A 165 -23.08 14.91 11.37
N GLU A 166 -22.91 16.24 11.46
CA GLU A 166 -24.02 17.19 11.30
C GLU A 166 -24.47 17.36 9.84
N GLY A 167 -23.71 16.83 8.89
CA GLY A 167 -24.02 16.91 7.48
C GLY A 167 -22.95 17.62 6.69
N ALA A 168 -23.28 17.98 5.44
CA ALA A 168 -22.36 18.68 4.57
C ALA A 168 -22.88 20.05 4.16
N ARG A 169 -22.00 21.06 4.15
CA ARG A 169 -22.37 22.42 3.77
C ARG A 169 -21.39 23.00 2.76
N VAL A 170 -21.84 24.01 1.99
CA VAL A 170 -21.00 24.66 0.99
C VAL A 170 -20.96 26.15 1.21
N ILE A 171 -19.76 26.74 1.27
CA ILE A 171 -19.59 28.18 1.40
C ILE A 171 -19.20 28.71 0.03
N THR A 172 -19.93 29.71 -0.47
CA THR A 172 -19.63 30.30 -1.78
C THR A 172 -19.97 31.79 -1.80
N TRP A 173 -19.36 32.53 -2.74
CA TRP A 173 -19.62 33.97 -2.84
C TRP A 173 -20.53 34.35 -4.01
N LYS A 174 -21.41 33.42 -4.41
CA LYS A 174 -22.43 33.67 -5.43
C LYS A 174 -23.75 33.11 -4.94
N ASN A 175 -24.86 33.73 -5.33
CA ASN A 175 -26.19 33.32 -4.89
C ASN A 175 -26.62 31.97 -5.44
N ILE A 176 -26.73 30.97 -4.55
CA ILE A 176 -27.19 29.63 -4.89
C ILE A 176 -28.36 29.26 -3.98
N ASP A 177 -29.55 29.05 -4.54
CA ASP A 177 -30.72 28.72 -3.74
C ASP A 177 -30.79 27.24 -3.34
N LEU A 178 -29.84 26.80 -2.51
CA LEU A 178 -29.77 25.43 -2.00
C LEU A 178 -29.71 25.54 -0.46
N PRO A 179 -30.45 24.67 0.25
CA PRO A 179 -30.49 24.75 1.73
C PRO A 179 -29.15 24.56 2.45
N TYR A 180 -28.24 23.80 1.85
CA TYR A 180 -26.92 23.56 2.44
C TYR A 180 -25.84 24.55 1.99
N VAL A 181 -26.21 25.59 1.25
CA VAL A 181 -25.26 26.58 0.78
C VAL A 181 -25.32 27.85 1.63
N ASP A 182 -24.15 28.30 2.09
CA ASP A 182 -24.01 29.53 2.84
C ASP A 182 -23.37 30.55 1.91
N VAL A 183 -24.05 31.68 1.72
CA VAL A 183 -23.58 32.70 0.80
C VAL A 183 -22.89 33.87 1.49
N VAL A 184 -21.67 34.18 1.03
CA VAL A 184 -20.87 35.30 1.52
C VAL A 184 -20.63 36.32 0.37
N SER A 185 -20.07 37.49 0.68
CA SER A 185 -19.85 38.53 -0.32
C SER A 185 -18.67 38.30 -1.25
N THR A 186 -17.54 37.82 -0.73
CA THR A 186 -16.33 37.65 -1.53
C THR A 186 -15.59 36.32 -1.24
N GLU A 187 -14.58 36.00 -2.06
CA GLU A 187 -13.72 34.85 -1.88
C GLU A 187 -12.99 34.97 -0.54
N LYS A 188 -12.53 36.18 -0.19
CA LYS A 188 -11.85 36.45 1.07
C LYS A 188 -12.75 36.13 2.25
N GLU A 189 -14.02 36.55 2.18
CA GLU A 189 -15.00 36.27 3.24
C GLU A 189 -15.30 34.78 3.34
N MET A 190 -15.27 34.05 2.21
CA MET A 190 -15.50 32.62 2.15
C MET A 190 -14.41 31.87 2.92
N ILE A 191 -13.14 32.24 2.69
CA ILE A 191 -12.00 31.63 3.37
C ILE A 191 -12.05 31.95 4.85
N LYS A 192 -12.34 33.20 5.21
CA LYS A 192 -12.45 33.64 6.59
C LYS A 192 -13.59 32.90 7.32
N ARG A 193 -14.69 32.65 6.60
CA ARG A 193 -15.85 31.91 7.12
C ARG A 193 -15.45 30.46 7.41
N PHE A 194 -14.65 29.86 6.52
CA PHE A 194 -14.15 28.50 6.70
C PHE A 194 -13.24 28.42 7.93
N LEU A 195 -12.43 29.44 8.18
CA LEU A 195 -11.57 29.48 9.36
C LEU A 195 -12.40 29.48 10.64
N LYS A 196 -13.51 30.23 10.65
CA LYS A 196 -14.38 30.31 11.81
C LYS A 196 -15.07 28.98 12.08
N VAL A 197 -15.45 28.23 11.03
CA VAL A 197 -16.11 26.94 11.24
C VAL A 197 -15.12 25.93 11.81
N VAL A 198 -13.87 25.92 11.33
CA VAL A 198 -12.84 25.02 11.85
C VAL A 198 -12.54 25.40 13.31
N LYS A 199 -12.48 26.70 13.62
CA LYS A 199 -12.22 27.16 14.97
C LYS A 199 -13.35 26.77 15.94
N GLU A 200 -14.61 26.96 15.52
CA GLU A 200 -15.76 26.66 16.36
C GLU A 200 -16.00 25.16 16.53
N LYS A 201 -15.84 24.39 15.45
CA LYS A 201 -16.00 22.95 15.51
C LYS A 201 -14.82 22.32 16.26
N ASP A 202 -13.63 22.89 16.09
CA ASP A 202 -12.38 22.43 16.69
C ASP A 202 -12.14 20.95 16.47
N PRO A 203 -12.06 20.51 15.19
CA PRO A 203 -11.87 19.08 14.94
C PRO A 203 -10.45 18.63 15.24
N ASP A 204 -10.32 17.40 15.71
CA ASP A 204 -9.04 16.79 15.95
C ASP A 204 -8.43 16.32 14.62
N VAL A 205 -9.27 15.94 13.65
CA VAL A 205 -8.81 15.43 12.36
C VAL A 205 -9.40 16.23 11.20
N LEU A 206 -8.53 16.65 10.27
CA LEU A 206 -8.95 17.32 9.05
C LEU A 206 -8.73 16.32 7.94
N ILE A 207 -9.81 15.93 7.28
CA ILE A 207 -9.76 14.91 6.23
C ILE A 207 -9.83 15.52 4.85
N THR A 208 -8.88 15.19 3.97
CA THR A 208 -8.85 15.67 2.60
C THR A 208 -8.59 14.51 1.62
N TYR A 209 -8.79 14.74 0.33
CA TYR A 209 -8.43 13.79 -0.71
C TYR A 209 -7.47 14.55 -1.60
N ASN A 210 -6.19 14.17 -1.52
CA ASN A 210 -5.08 14.82 -2.22
C ASN A 210 -4.83 16.25 -1.71
N GLY A 211 -5.13 16.48 -0.43
CA GLY A 211 -4.87 17.76 0.22
C GLY A 211 -3.39 18.04 0.37
N ASP A 212 -2.55 17.00 0.38
CA ASP A 212 -1.11 17.15 0.49
C ASP A 212 -0.51 17.85 -0.73
N ASN A 213 -1.14 17.67 -1.92
CA ASN A 213 -0.56 18.21 -3.14
C ASN A 213 -1.45 19.17 -3.91
N PHE A 214 -2.63 19.51 -3.37
CA PHE A 214 -3.51 20.44 -4.08
C PHE A 214 -4.18 21.45 -3.16
N ASP A 215 -5.14 20.99 -2.37
CA ASP A 215 -6.02 21.81 -1.55
C ASP A 215 -5.30 22.83 -0.70
N PHE A 216 -4.35 22.37 0.13
CA PHE A 216 -3.62 23.25 1.01
C PHE A 216 -2.74 24.23 0.27
N ALA A 217 -2.13 23.79 -0.83
CA ALA A 217 -1.26 24.64 -1.63
C ALA A 217 -2.08 25.76 -2.30
N TYR A 218 -3.30 25.43 -2.75
CA TYR A 218 -4.18 26.37 -3.41
C TYR A 218 -4.64 27.40 -2.39
N LEU A 219 -5.07 26.95 -1.20
CA LEU A 219 -5.52 27.84 -0.15
C LEU A 219 -4.40 28.79 0.28
N LYS A 220 -3.16 28.28 0.37
CA LYS A 220 -2.00 29.07 0.76
C LYS A 220 -1.72 30.22 -0.21
N LYS A 221 -1.68 29.93 -1.51
CA LYS A 221 -1.42 30.94 -2.53
C LYS A 221 -2.53 31.98 -2.58
N ARG A 222 -3.79 31.57 -2.38
CA ARG A 222 -4.92 32.48 -2.40
C ARG A 222 -4.95 33.38 -1.18
N SER A 223 -4.59 32.85 -0.01
CA SER A 223 -4.54 33.65 1.21
C SER A 223 -3.40 34.66 1.17
N GLU A 224 -2.31 34.35 0.45
CA GLU A 224 -1.20 35.29 0.26
C GLU A 224 -1.64 36.41 -0.70
N LYS A 225 -2.41 36.03 -1.75
CA LYS A 225 -2.94 36.96 -2.74
C LYS A 225 -3.99 37.89 -2.13
N LEU A 226 -4.76 37.40 -1.15
CA LEU A 226 -5.82 38.18 -0.53
C LEU A 226 -5.47 38.83 0.81
N GLY A 227 -4.30 38.51 1.36
CA GLY A 227 -3.87 39.05 2.64
C GLY A 227 -4.67 38.47 3.79
N VAL A 228 -4.74 37.14 3.86
CA VAL A 228 -5.46 36.40 4.90
C VAL A 228 -4.47 35.56 5.69
N LYS A 229 -4.55 35.60 7.02
CA LYS A 229 -3.70 34.74 7.85
C LYS A 229 -4.44 33.41 7.99
N PHE A 230 -4.02 32.40 7.19
CA PHE A 230 -4.66 31.07 7.18
C PHE A 230 -4.28 30.23 8.40
N ILE A 231 -4.75 30.64 9.58
CA ILE A 231 -4.44 29.99 10.84
C ILE A 231 -5.32 28.76 11.12
N LEU A 232 -4.93 27.61 10.57
CA LEU A 232 -5.67 26.37 10.82
C LEU A 232 -5.18 25.61 12.05
N GLY A 233 -3.92 25.81 12.42
CA GLY A 233 -3.33 25.14 13.57
C GLY A 233 -3.94 25.52 14.89
N ARG A 234 -4.01 24.57 15.82
CA ARG A 234 -4.55 24.80 17.15
C ARG A 234 -3.67 25.70 18.02
N GLU A 235 -2.43 25.96 17.60
CA GLU A 235 -1.56 26.87 18.34
C GLU A 235 -1.41 28.25 17.61
N GLY A 236 -2.20 28.47 16.56
CA GLY A 236 -2.18 29.70 15.81
C GLY A 236 -1.23 29.69 14.63
N SER A 237 -0.91 28.52 14.10
CA SER A 237 0.00 28.41 12.97
C SER A 237 -0.71 28.17 11.64
N GLU A 238 -0.03 28.51 10.54
CA GLU A 238 -0.52 28.24 9.20
C GLU A 238 -0.02 26.82 8.84
N PRO A 239 -0.75 26.08 7.98
CA PRO A 239 -0.31 24.72 7.62
C PRO A 239 1.13 24.61 7.13
N LYS A 240 1.89 23.67 7.70
CA LYS A 240 3.30 23.50 7.34
C LYS A 240 3.48 22.52 6.19
N ILE A 241 4.18 22.96 5.14
CA ILE A 241 4.43 22.15 3.95
C ILE A 241 5.79 21.46 4.02
N GLN A 242 5.82 20.16 3.77
CA GLN A 242 7.05 19.37 3.80
C GLN A 242 7.31 18.61 2.50
N ARG A 243 8.58 18.26 2.26
CA ARG A 243 8.95 17.53 1.05
C ARG A 243 9.08 16.04 1.28
N MET A 244 8.29 15.25 0.55
CA MET A 244 8.38 13.80 0.64
C MET A 244 8.78 13.24 -0.71
N GLY A 245 10.09 13.29 -0.98
CA GLY A 245 10.65 12.82 -2.25
C GLY A 245 10.21 13.71 -3.38
N ASP A 246 9.52 13.12 -4.37
CA ASP A 246 9.03 13.85 -5.54
C ASP A 246 7.67 14.54 -5.32
N ARG A 247 7.05 14.34 -4.14
CA ARG A 247 5.77 14.97 -3.83
C ARG A 247 5.83 15.77 -2.50
N PHE A 248 4.69 16.25 -2.01
CA PHE A 248 4.65 17.06 -0.80
C PHE A 248 3.70 16.48 0.23
N ALA A 249 3.76 17.02 1.46
CA ALA A 249 2.90 16.59 2.55
C ALA A 249 2.60 17.79 3.45
N VAL A 250 1.39 17.86 4.01
CA VAL A 250 1.00 19.01 4.81
C VAL A 250 0.59 18.66 6.22
N GLU A 251 1.20 19.33 7.20
CA GLU A 251 0.82 19.15 8.59
C GLU A 251 -0.03 20.32 9.03
N VAL A 252 -0.97 20.07 9.92
CA VAL A 252 -1.75 21.12 10.54
C VAL A 252 -1.59 20.93 12.06
N LYS A 253 -0.71 21.74 12.66
CA LYS A 253 -0.34 21.64 14.06
C LYS A 253 -1.51 21.58 15.01
N GLY A 254 -1.47 20.63 15.93
CA GLY A 254 -2.54 20.45 16.92
C GLY A 254 -3.64 19.52 16.46
N ARG A 255 -3.73 19.29 15.15
CA ARG A 255 -4.69 18.38 14.56
C ARG A 255 -3.98 17.33 13.68
N ILE A 256 -4.75 16.39 13.10
CA ILE A 256 -4.19 15.39 12.23
C ILE A 256 -4.72 15.62 10.84
N HIS A 257 -3.84 16.00 9.89
CA HIS A 257 -4.27 16.15 8.52
C HIS A 257 -4.23 14.76 7.93
N PHE A 258 -5.39 14.15 7.79
CA PHE A 258 -5.50 12.82 7.22
C PHE A 258 -5.80 12.90 5.74
N ASP A 259 -4.77 12.74 4.89
CA ASP A 259 -4.97 12.72 3.45
C ASP A 259 -5.29 11.29 3.05
N LEU A 260 -6.52 11.06 2.55
CA LEU A 260 -6.96 9.74 2.12
C LEU A 260 -6.21 9.20 0.91
N TYR A 261 -5.71 10.09 0.05
CA TYR A 261 -5.07 9.70 -1.20
C TYR A 261 -3.88 8.71 -1.03
N PRO A 262 -2.83 9.00 -0.23
CA PRO A 262 -1.73 8.00 -0.13
C PRO A 262 -2.18 6.70 0.53
N VAL A 263 -3.16 6.77 1.45
CA VAL A 263 -3.69 5.62 2.16
C VAL A 263 -4.36 4.65 1.20
N ILE A 264 -5.36 5.13 0.42
CA ILE A 264 -6.10 4.32 -0.54
C ILE A 264 -5.20 3.82 -1.67
N ARG A 265 -4.18 4.60 -2.03
CA ARG A 265 -3.21 4.24 -3.04
C ARG A 265 -2.48 2.94 -2.68
N ARG A 266 -2.26 2.68 -1.37
CA ARG A 266 -1.58 1.48 -0.90
C ARG A 266 -2.54 0.34 -0.60
N THR A 267 -3.69 0.67 0.00
CA THR A 267 -4.68 -0.33 0.43
C THR A 267 -5.30 -1.11 -0.72
N ILE A 268 -5.88 -0.43 -1.71
CA ILE A 268 -6.53 -1.10 -2.82
C ILE A 268 -5.90 -0.79 -4.17
N ASN A 269 -6.06 -1.72 -5.12
CA ASN A 269 -5.53 -1.55 -6.46
C ASN A 269 -6.65 -1.24 -7.43
N LEU A 270 -6.63 -0.02 -7.99
CA LEU A 270 -7.64 0.44 -8.95
C LEU A 270 -6.97 0.97 -10.22
N PRO A 271 -7.67 0.93 -11.36
CA PRO A 271 -7.09 1.50 -12.59
C PRO A 271 -6.85 3.01 -12.48
N THR A 272 -7.81 3.75 -11.90
CA THR A 272 -7.70 5.19 -11.67
C THR A 272 -7.96 5.50 -10.20
N TYR A 273 -7.41 6.61 -9.69
CA TYR A 273 -7.61 6.97 -8.29
C TYR A 273 -8.35 8.28 -8.11
N THR A 274 -9.35 8.53 -8.96
CA THR A 274 -10.18 9.72 -8.79
C THR A 274 -11.07 9.49 -7.57
N LEU A 275 -11.54 10.57 -6.95
CA LEU A 275 -12.44 10.47 -5.80
C LEU A 275 -13.72 9.69 -6.14
N GLU A 276 -14.19 9.81 -7.39
CA GLU A 276 -15.39 9.13 -7.87
C GLU A 276 -15.17 7.62 -7.99
N ALA A 277 -14.04 7.19 -8.56
CA ALA A 277 -13.73 5.77 -8.72
C ALA A 277 -13.50 5.10 -7.37
N VAL A 278 -12.80 5.78 -6.46
CA VAL A 278 -12.51 5.27 -5.13
C VAL A 278 -13.79 5.06 -4.30
N TYR A 279 -14.67 6.05 -4.28
CA TYR A 279 -15.92 5.97 -3.53
C TYR A 279 -16.79 4.84 -4.05
N GLU A 280 -16.86 4.68 -5.37
CA GLU A 280 -17.66 3.65 -6.04
C GLU A 280 -17.12 2.23 -5.78
N ALA A 281 -15.82 2.11 -5.54
CA ALA A 281 -15.20 0.81 -5.27
C ALA A 281 -15.39 0.39 -3.81
N ILE A 282 -15.36 1.36 -2.89
CA ILE A 282 -15.49 1.07 -1.47
C ILE A 282 -16.95 0.91 -1.04
N PHE A 283 -17.81 1.82 -1.46
CA PHE A 283 -19.21 1.80 -1.04
C PHE A 283 -20.19 1.21 -2.07
N GLY A 284 -19.72 0.94 -3.28
CA GLY A 284 -20.57 0.38 -4.34
C GLY A 284 -21.65 1.33 -4.84
N GLN A 285 -21.51 2.64 -4.57
CA GLN A 285 -22.48 3.64 -4.99
C GLN A 285 -21.86 4.63 -5.97
N PRO A 286 -22.62 5.07 -6.98
CA PRO A 286 -22.06 5.97 -7.99
C PRO A 286 -21.88 7.41 -7.53
N LYS A 287 -20.94 8.13 -8.16
CA LYS A 287 -20.70 9.54 -7.89
C LYS A 287 -20.37 10.23 -9.20
N GLU A 288 -21.19 11.21 -9.59
CA GLU A 288 -21.00 11.94 -10.84
C GLU A 288 -19.87 12.95 -10.74
N LYS A 289 -19.06 13.03 -11.80
CA LYS A 289 -17.95 13.97 -11.85
C LYS A 289 -18.38 15.22 -12.63
N VAL A 290 -18.07 16.40 -12.10
CA VAL A 290 -18.32 17.67 -12.77
C VAL A 290 -16.94 18.26 -13.07
N TYR A 291 -16.59 18.34 -14.35
CA TYR A 291 -15.27 18.78 -14.79
C TYR A 291 -15.03 20.28 -14.65
N ALA A 292 -13.75 20.69 -14.61
CA ALA A 292 -13.32 22.06 -14.46
C ALA A 292 -13.91 23.00 -15.49
N GLU A 293 -14.09 22.54 -16.74
CA GLU A 293 -14.69 23.37 -17.77
C GLU A 293 -16.16 23.68 -17.45
N GLU A 294 -16.91 22.66 -17.02
CA GLU A 294 -18.32 22.85 -16.65
C GLU A 294 -18.46 23.80 -15.46
N ILE A 295 -17.53 23.73 -14.49
CA ILE A 295 -17.52 24.59 -13.31
C ILE A 295 -17.27 26.03 -13.73
N ALA A 296 -16.27 26.24 -14.59
CA ALA A 296 -15.92 27.57 -15.08
C ALA A 296 -17.07 28.15 -15.88
N GLN A 297 -17.68 27.36 -16.78
CA GLN A 297 -18.81 27.79 -17.60
C GLN A 297 -20.00 28.19 -16.73
N ALA A 298 -20.29 27.40 -15.69
CA ALA A 298 -21.41 27.68 -14.79
C ALA A 298 -21.20 28.95 -13.99
N TRP A 299 -19.96 29.23 -13.59
CA TRP A 299 -19.65 30.41 -12.80
C TRP A 299 -19.66 31.69 -13.62
N GLU A 300 -19.25 31.61 -14.88
CA GLU A 300 -19.18 32.76 -15.77
C GLU A 300 -20.55 33.12 -16.33
N THR A 301 -21.36 32.12 -16.66
CA THR A 301 -22.71 32.37 -17.17
C THR A 301 -23.75 32.50 -16.05
N GLY A 302 -23.44 31.99 -14.86
CA GLY A 302 -24.37 31.99 -13.73
C GLY A 302 -25.52 31.02 -13.89
N GLU A 303 -25.39 30.04 -14.82
CA GLU A 303 -26.40 29.04 -15.16
C GLU A 303 -25.88 27.67 -14.77
N GLY A 304 -26.64 26.95 -13.96
CA GLY A 304 -26.23 25.60 -13.55
C GLY A 304 -25.36 25.56 -12.31
N LEU A 305 -25.48 26.57 -11.44
CA LEU A 305 -24.72 26.63 -10.20
C LEU A 305 -25.20 25.62 -9.15
N GLU A 306 -26.44 25.14 -9.26
CA GLU A 306 -26.99 24.14 -8.36
C GLU A 306 -26.24 22.83 -8.53
N ARG A 307 -25.96 22.44 -9.79
CA ARG A 307 -25.23 21.23 -10.13
C ARG A 307 -23.80 21.28 -9.59
N VAL A 308 -23.15 22.45 -9.72
CA VAL A 308 -21.78 22.57 -9.24
C VAL A 308 -21.73 22.59 -7.71
N ALA A 309 -22.70 23.25 -7.06
CA ALA A 309 -22.76 23.27 -5.60
C ALA A 309 -23.05 21.88 -5.04
N ARG A 310 -23.87 21.09 -5.73
CA ARG A 310 -24.17 19.72 -5.30
C ARG A 310 -22.93 18.84 -5.41
N TYR A 311 -22.14 19.02 -6.47
CA TYR A 311 -20.90 18.29 -6.67
C TYR A 311 -19.92 18.63 -5.55
N SER A 312 -19.81 19.91 -5.21
CA SER A 312 -18.93 20.35 -4.14
C SER A 312 -19.37 19.77 -2.80
N MET A 313 -20.69 19.67 -2.56
CA MET A 313 -21.24 19.09 -1.35
C MET A 313 -20.93 17.59 -1.26
N GLU A 314 -21.06 16.88 -2.39
CA GLU A 314 -20.79 15.45 -2.45
C GLU A 314 -19.33 15.14 -2.22
N ASP A 315 -18.42 16.02 -2.65
CA ASP A 315 -16.99 15.83 -2.46
C ASP A 315 -16.66 15.77 -0.97
N ALA A 316 -17.21 16.72 -0.19
CA ALA A 316 -17.00 16.77 1.24
C ALA A 316 -17.67 15.59 1.93
N LYS A 317 -18.89 15.25 1.51
CA LYS A 317 -19.65 14.14 2.06
C LYS A 317 -18.94 12.79 1.90
N VAL A 318 -18.51 12.44 0.67
CA VAL A 318 -17.82 11.18 0.42
C VAL A 318 -16.43 11.14 1.04
N THR A 319 -15.75 12.29 1.15
CA THR A 319 -14.43 12.31 1.80
C THR A 319 -14.60 12.02 3.30
N TYR A 320 -15.68 12.50 3.91
CA TYR A 320 -15.96 12.22 5.31
C TYR A 320 -16.33 10.74 5.48
N GLU A 321 -17.10 10.18 4.54
CA GLU A 321 -17.50 8.78 4.58
C GLU A 321 -16.28 7.85 4.42
N LEU A 322 -15.38 8.18 3.49
CA LEU A 322 -14.15 7.41 3.27
C LEU A 322 -13.21 7.55 4.46
N GLY A 323 -13.14 8.74 5.05
CA GLY A 323 -12.34 9.00 6.23
C GLY A 323 -12.80 8.17 7.41
N LYS A 324 -14.12 8.00 7.56
CA LYS A 324 -14.68 7.14 8.61
C LYS A 324 -14.33 5.66 8.38
N GLU A 325 -14.14 5.27 7.12
CA GLU A 325 -13.81 3.90 6.77
C GLU A 325 -12.32 3.59 6.91
N PHE A 326 -11.43 4.53 6.59
CA PHE A 326 -9.99 4.24 6.62
C PHE A 326 -9.22 4.74 7.85
N PHE A 327 -9.73 5.74 8.57
CA PHE A 327 -9.04 6.27 9.76
C PHE A 327 -8.86 5.24 10.90
N PRO A 328 -9.90 4.48 11.32
CA PRO A 328 -9.69 3.50 12.41
C PRO A 328 -8.60 2.48 12.11
N MET A 329 -8.42 2.10 10.84
CA MET A 329 -7.36 1.17 10.45
C MET A 329 -6.00 1.85 10.64
N GLU A 330 -5.88 3.11 10.20
CA GLU A 330 -4.63 3.88 10.33
C GLU A 330 -4.28 4.21 11.78
N ALA A 331 -5.30 4.35 12.64
CA ALA A 331 -5.12 4.57 14.07
C ALA A 331 -4.52 3.30 14.73
N GLN A 332 -4.99 2.12 14.31
CA GLN A 332 -4.47 0.85 14.81
C GLN A 332 -3.05 0.62 14.31
N LEU A 333 -2.76 1.04 13.07
CA LEU A 333 -1.43 0.91 12.51
C LEU A 333 -0.46 1.79 13.28
N SER A 334 -0.90 2.99 13.70
CA SER A 334 -0.11 3.92 14.48
C SER A 334 0.22 3.38 15.85
N ARG A 335 -0.76 2.74 16.52
CA ARG A 335 -0.56 2.08 17.81
C ARG A 335 0.50 0.96 17.67
N LEU A 336 0.40 0.17 16.59
CA LEU A 336 1.28 -0.97 16.32
C LEU A 336 2.73 -0.55 16.07
N VAL A 337 2.94 0.40 15.18
CA VAL A 337 4.27 0.87 14.84
C VAL A 337 4.87 1.79 15.90
N GLY A 338 4.02 2.54 16.60
CA GLY A 338 4.48 3.43 17.67
C GLY A 338 4.79 4.84 17.20
N GLN A 339 4.26 5.24 16.05
CA GLN A 339 4.46 6.58 15.50
C GLN A 339 3.11 7.27 15.21
N SER A 340 3.12 8.58 14.92
CA SER A 340 1.89 9.33 14.69
C SER A 340 1.11 8.83 13.49
N LEU A 341 -0.22 9.03 13.49
CA LEU A 341 -1.05 8.66 12.35
C LEU A 341 -0.63 9.40 11.07
N TRP A 342 -0.17 10.66 11.21
CA TRP A 342 0.30 11.46 10.10
C TRP A 342 1.45 10.78 9.35
N ASP A 343 2.47 10.27 10.08
CA ASP A 343 3.63 9.63 9.47
C ASP A 343 3.28 8.24 8.97
N VAL A 344 2.57 7.47 9.78
CA VAL A 344 2.17 6.10 9.49
C VAL A 344 1.31 6.01 8.20
N SER A 345 0.37 6.95 8.02
CA SER A 345 -0.48 6.97 6.83
C SER A 345 0.25 7.35 5.54
N ARG A 346 1.43 7.95 5.68
CA ARG A 346 2.24 8.37 4.54
C ARG A 346 3.51 7.53 4.34
N SER A 347 3.74 6.51 5.16
CA SER A 347 4.94 5.68 5.03
C SER A 347 4.68 4.36 4.33
N SER A 348 5.72 3.85 3.66
CA SER A 348 5.77 2.58 2.94
C SER A 348 5.97 1.40 3.92
N THR A 349 5.82 0.14 3.45
CA THR A 349 6.02 -1.03 4.30
C THR A 349 7.41 -1.09 4.95
N GLY A 350 8.44 -0.79 4.17
CA GLY A 350 9.82 -0.80 4.65
C GLY A 350 10.08 0.14 5.81
N ASN A 351 9.54 1.37 5.74
CA ASN A 351 9.70 2.36 6.78
C ASN A 351 8.92 1.98 8.05
N LEU A 352 7.75 1.39 7.88
CA LEU A 352 6.93 0.95 9.01
C LEU A 352 7.62 -0.13 9.83
N VAL A 353 8.29 -1.08 9.17
CA VAL A 353 9.01 -2.16 9.86
C VAL A 353 10.17 -1.55 10.62
N GLU A 354 10.93 -0.67 9.97
CA GLU A 354 12.09 -0.02 10.57
C GLU A 354 11.76 0.76 11.82
N TRP A 355 10.65 1.49 11.83
CA TRP A 355 10.26 2.25 13.01
C TRP A 355 9.80 1.36 14.14
N PHE A 356 9.20 0.21 13.82
CA PHE A 356 8.80 -0.79 14.81
C PHE A 356 10.07 -1.41 15.41
N LEU A 357 11.05 -1.75 14.56
CA LEU A 357 12.31 -2.33 14.99
C LEU A 357 13.11 -1.38 15.83
N LEU A 358 13.12 -0.10 15.48
CA LEU A 358 13.84 0.93 16.21
C LEU A 358 13.33 1.08 17.64
N ARG A 359 12.01 0.95 17.83
CA ARG A 359 11.42 1.05 19.15
C ARG A 359 11.78 -0.18 19.98
N LYS A 360 11.66 -1.37 19.37
CA LYS A 360 12.00 -2.61 20.05
C LYS A 360 13.48 -2.68 20.41
N ALA A 361 14.34 -2.14 19.54
CA ALA A 361 15.79 -2.12 19.77
C ALA A 361 16.11 -1.29 21.00
N TYR A 362 15.40 -0.16 21.20
CA TYR A 362 15.61 0.69 22.35
C TYR A 362 15.17 -0.02 23.63
N GLU A 363 14.02 -0.70 23.56
CA GLU A 363 13.46 -1.46 24.69
C GLU A 363 14.40 -2.55 25.15
N ARG A 364 15.14 -3.15 24.22
CA ARG A 364 16.05 -4.26 24.53
C ARG A 364 17.51 -3.84 24.64
N ASN A 365 17.80 -2.54 24.75
CA ASN A 365 19.17 -2.01 24.83
C ASN A 365 20.03 -2.51 23.65
N GLU A 366 19.42 -2.58 22.48
CA GLU A 366 20.07 -3.03 21.28
C GLU A 366 20.44 -1.84 20.41
N LEU A 367 21.73 -1.64 20.20
CA LEU A 367 22.28 -0.57 19.36
C LEU A 367 21.86 -0.82 17.93
N ALA A 368 21.24 0.18 17.31
CA ALA A 368 20.76 0.06 15.95
C ALA A 368 21.83 0.29 14.90
N PRO A 369 21.93 -0.58 13.90
CA PRO A 369 22.88 -0.35 12.80
C PRO A 369 22.44 0.85 11.94
N ASN A 370 23.39 1.42 11.22
CA ASN A 370 23.14 2.61 10.41
C ASN A 370 22.50 2.31 9.07
N LYS A 371 21.92 3.34 8.46
CA LYS A 371 21.39 3.25 7.11
C LYS A 371 22.59 3.14 6.16
N PRO A 372 22.41 2.49 5.01
CA PRO A 372 23.53 2.32 4.09
C PRO A 372 23.96 3.60 3.41
N ASP A 373 25.27 3.76 3.19
CA ASP A 373 25.76 4.93 2.44
C ASP A 373 25.48 4.70 0.93
N GLU A 374 25.78 5.68 0.06
CA GLU A 374 25.52 5.54 -1.38
C GLU A 374 26.28 4.38 -2.03
N ARG A 375 27.52 4.15 -1.60
CA ARG A 375 28.35 3.07 -2.12
C ARG A 375 27.78 1.71 -1.73
N GLU A 376 27.47 1.53 -0.43
CA GLU A 376 26.89 0.30 0.10
C GLU A 376 25.50 0.06 -0.50
N LEU A 377 24.74 1.13 -0.76
CA LEU A 377 23.40 1.05 -1.34
C LEU A 377 23.44 0.45 -2.74
N ALA A 378 24.44 0.82 -3.53
CA ALA A 378 24.62 0.28 -4.88
C ALA A 378 25.00 -1.21 -4.84
N ARG A 379 25.74 -1.61 -3.80
CA ARG A 379 26.16 -2.98 -3.57
C ARG A 379 24.97 -3.89 -3.17
N ARG A 380 23.87 -3.31 -2.68
CA ARG A 380 22.71 -4.08 -2.25
C ARG A 380 21.62 -4.24 -3.32
N ARG A 381 21.86 -3.79 -4.56
CA ARG A 381 20.84 -3.91 -5.61
C ARG A 381 21.13 -5.09 -6.54
N GLU A 382 21.72 -6.15 -5.99
CA GLU A 382 22.03 -7.34 -6.78
C GLU A 382 20.77 -8.20 -6.99
N SER A 383 20.80 -9.04 -8.03
CA SER A 383 19.68 -9.92 -8.41
C SER A 383 19.26 -10.91 -7.32
N TYR A 384 18.09 -11.52 -7.50
CA TYR A 384 17.52 -12.44 -6.53
C TYR A 384 17.18 -13.80 -7.15
N ALA A 385 17.04 -14.81 -6.30
CA ALA A 385 16.69 -16.16 -6.72
C ALA A 385 16.03 -16.83 -5.54
N GLY A 386 14.72 -16.70 -5.45
CA GLY A 386 13.96 -17.29 -4.35
C GLY A 386 12.55 -17.64 -4.72
N GLY A 387 12.07 -18.77 -4.23
CA GLY A 387 10.72 -19.23 -4.51
C GLY A 387 10.71 -20.30 -5.57
N TYR A 388 10.23 -21.49 -5.22
CA TYR A 388 10.17 -22.61 -6.16
C TYR A 388 8.91 -22.53 -7.00
N VAL A 389 9.06 -22.65 -8.32
CA VAL A 389 7.92 -22.65 -9.22
C VAL A 389 8.02 -23.86 -10.12
N LYS A 390 7.11 -24.81 -9.94
CA LYS A 390 7.09 -26.02 -10.74
C LYS A 390 6.49 -25.73 -12.10
N GLU A 391 7.09 -26.28 -13.18
CA GLU A 391 6.49 -26.17 -14.51
C GLU A 391 5.30 -27.13 -14.50
N PRO A 392 4.10 -26.60 -14.74
CA PRO A 392 2.90 -27.42 -14.59
C PRO A 392 2.73 -28.57 -15.56
N GLU A 393 2.00 -29.60 -15.12
CA GLU A 393 1.67 -30.75 -15.96
C GLU A 393 0.59 -30.26 -16.92
N ARG A 394 0.80 -30.49 -18.21
CA ARG A 394 -0.12 -30.04 -19.23
C ARG A 394 -1.42 -30.82 -19.23
N GLY A 395 -2.52 -30.17 -19.63
CA GLY A 395 -3.81 -30.83 -19.77
C GLY A 395 -4.94 -30.46 -18.81
N LEU A 396 -6.09 -31.11 -19.01
CA LEU A 396 -7.27 -30.92 -18.17
C LEU A 396 -7.26 -32.00 -17.08
N TRP A 397 -7.41 -31.60 -15.81
CA TRP A 397 -7.41 -32.53 -14.69
C TRP A 397 -8.69 -32.46 -13.88
N GLU A 398 -9.05 -33.56 -13.21
CA GLU A 398 -10.29 -33.63 -12.43
C GLU A 398 -10.04 -33.81 -10.93
N ASN A 399 -10.93 -33.21 -10.11
CA ASN A 399 -10.94 -33.32 -8.64
C ASN A 399 -9.59 -32.99 -8.04
N ILE A 400 -9.28 -31.69 -7.99
CA ILE A 400 -7.99 -31.18 -7.54
C ILE A 400 -8.07 -30.52 -6.18
N VAL A 401 -7.10 -30.78 -5.31
CA VAL A 401 -7.02 -30.12 -4.01
C VAL A 401 -5.86 -29.10 -4.03
N TYR A 402 -6.04 -27.96 -3.33
CA TYR A 402 -4.96 -26.99 -3.18
C TYR A 402 -4.49 -26.99 -1.73
N LEU A 403 -3.22 -27.31 -1.51
CA LEU A 403 -2.64 -27.34 -0.17
C LEU A 403 -1.55 -26.28 -0.10
N ASP A 404 -1.47 -25.55 1.02
CA ASP A 404 -0.43 -24.54 1.19
C ASP A 404 0.03 -24.37 2.64
N PHE A 405 1.21 -23.80 2.85
CA PHE A 405 1.75 -23.56 4.18
C PHE A 405 1.16 -22.33 4.84
N ARG A 406 0.89 -22.44 6.15
CA ARG A 406 0.40 -21.32 6.91
C ARG A 406 1.61 -20.45 7.29
N SER A 407 1.68 -19.21 6.77
CA SER A 407 2.77 -18.25 7.04
C SER A 407 4.16 -18.89 6.88
N LEU A 408 4.45 -19.40 5.67
CA LEU A 408 5.71 -20.11 5.42
C LEU A 408 6.97 -19.35 5.84
N TYR A 409 7.17 -18.14 5.33
CA TYR A 409 8.37 -17.36 5.61
C TYR A 409 8.50 -16.92 7.07
N PRO A 410 7.44 -16.38 7.74
CA PRO A 410 7.57 -16.09 9.18
C PRO A 410 7.83 -17.34 10.02
N SER A 411 7.24 -18.49 9.63
CA SER A 411 7.43 -19.75 10.31
C SER A 411 8.88 -20.18 10.24
N ILE A 412 9.52 -20.02 9.07
CA ILE A 412 10.90 -20.37 8.84
C ILE A 412 11.81 -19.51 9.70
N ILE A 413 11.57 -18.21 9.74
CA ILE A 413 12.37 -17.26 10.51
C ILE A 413 12.36 -17.59 12.00
N ILE A 414 11.19 -17.92 12.54
CA ILE A 414 11.06 -18.29 13.94
C ILE A 414 11.69 -19.65 14.22
N THR A 415 11.29 -20.68 13.45
CA THR A 415 11.76 -22.06 13.61
C THR A 415 13.27 -22.18 13.48
N HIS A 416 13.87 -21.52 12.49
CA HIS A 416 15.30 -21.64 12.28
C HIS A 416 16.13 -20.46 12.83
N ASN A 417 15.50 -19.57 13.61
CA ASN A 417 16.18 -18.44 14.25
C ASN A 417 16.99 -17.60 13.26
N VAL A 418 16.42 -17.33 12.09
CA VAL A 418 17.09 -16.61 11.02
C VAL A 418 17.17 -15.12 11.32
N SER A 419 18.40 -14.64 11.53
CA SER A 419 18.62 -13.25 11.89
C SER A 419 20.08 -12.85 11.66
N PRO A 420 20.34 -11.56 11.35
CA PRO A 420 21.74 -11.12 11.15
C PRO A 420 22.63 -11.27 12.37
N ASP A 421 22.04 -11.29 13.56
CA ASP A 421 22.77 -11.47 14.81
C ASP A 421 23.04 -12.93 15.18
N THR A 422 22.37 -13.87 14.51
CA THR A 422 22.61 -15.30 14.71
C THR A 422 23.37 -15.93 13.53
N LEU A 423 23.57 -15.18 12.44
CA LEU A 423 24.25 -15.65 11.25
C LEU A 423 25.73 -15.89 11.52
N ASN A 424 26.18 -17.12 11.29
CA ASN A 424 27.58 -17.54 11.45
C ASN A 424 28.26 -17.02 12.74
N ARG A 425 27.55 -17.17 13.88
CA ARG A 425 28.07 -16.77 15.19
C ARG A 425 29.05 -17.84 15.66
N GLU A 426 30.33 -17.49 15.73
CA GLU A 426 31.40 -18.42 16.13
C GLU A 426 31.21 -19.02 17.53
N GLY A 427 31.65 -20.26 17.68
CA GLY A 427 31.55 -21.01 18.93
C GLY A 427 30.14 -21.47 19.27
N CYS A 428 29.26 -21.56 18.26
CA CYS A 428 27.88 -21.95 18.45
C CYS A 428 27.77 -23.42 18.78
N GLU A 429 27.00 -23.76 19.83
CA GLU A 429 26.81 -25.16 20.23
C GLU A 429 25.70 -25.83 19.42
N GLU A 430 24.67 -25.07 19.03
CA GLU A 430 23.53 -25.58 18.26
C GLU A 430 23.25 -24.67 17.08
N TYR A 431 23.11 -25.24 15.89
CA TYR A 431 22.84 -24.44 14.70
C TYR A 431 22.01 -25.13 13.67
N ASP A 432 21.25 -24.35 12.91
CA ASP A 432 20.48 -24.84 11.78
C ASP A 432 21.16 -24.38 10.50
N VAL A 433 21.27 -25.25 9.52
CA VAL A 433 21.95 -24.95 8.28
C VAL A 433 20.96 -24.81 7.13
N ALA A 434 21.00 -23.70 6.43
CA ALA A 434 20.11 -23.47 5.30
C ALA A 434 20.54 -24.31 4.11
N PRO A 435 19.60 -25.05 3.51
CA PRO A 435 19.94 -25.89 2.34
C PRO A 435 20.43 -25.06 1.15
N GLN A 436 21.32 -25.65 0.34
CA GLN A 436 21.93 -25.02 -0.84
C GLN A 436 22.88 -23.86 -0.51
N VAL A 437 22.40 -22.80 0.14
CA VAL A 437 23.20 -21.62 0.47
C VAL A 437 24.17 -21.86 1.65
N GLY A 438 23.84 -22.80 2.52
CA GLY A 438 24.72 -23.21 3.62
C GLY A 438 24.95 -22.27 4.79
N HIS A 439 24.17 -21.19 4.88
CA HIS A 439 24.31 -20.25 5.99
C HIS A 439 23.89 -20.90 7.30
N LYS A 440 24.71 -20.73 8.35
CA LYS A 440 24.41 -21.33 9.64
C LYS A 440 23.83 -20.31 10.59
N PHE A 441 22.80 -20.69 11.33
CA PHE A 441 22.16 -19.80 12.28
C PHE A 441 22.19 -20.38 13.67
N CYS A 442 22.81 -19.65 14.58
CA CYS A 442 22.93 -20.01 15.98
C CYS A 442 21.57 -20.17 16.62
N LYS A 443 21.40 -21.23 17.41
CA LYS A 443 20.16 -21.49 18.10
C LYS A 443 20.27 -21.35 19.63
N ASP A 444 21.49 -21.00 20.14
CA ASP A 444 21.82 -20.83 21.54
C ASP A 444 21.00 -19.75 22.21
N PHE A 445 20.68 -18.69 21.48
CA PHE A 445 19.88 -17.59 22.04
C PHE A 445 18.88 -17.09 20.99
N PRO A 446 17.72 -16.57 21.42
CA PRO A 446 16.75 -16.05 20.44
C PRO A 446 17.29 -14.82 19.71
N GLY A 447 17.19 -14.84 18.40
CA GLY A 447 17.63 -13.72 17.58
C GLY A 447 16.66 -12.57 17.72
N PHE A 448 17.15 -11.35 17.53
CA PHE A 448 16.34 -10.15 17.65
C PHE A 448 15.04 -10.17 16.84
N ILE A 449 15.13 -10.38 15.52
CA ILE A 449 13.95 -10.39 14.66
C ILE A 449 13.06 -11.61 14.90
N PRO A 450 13.58 -12.86 14.98
CA PRO A 450 12.71 -14.00 15.29
C PRO A 450 11.98 -13.84 16.63
N SER A 451 12.66 -13.26 17.62
CA SER A 451 12.06 -13.02 18.92
C SER A 451 10.85 -12.08 18.81
N LEU A 452 10.99 -10.96 18.06
CA LEU A 452 9.90 -10.02 17.87
C LEU A 452 8.79 -10.59 17.03
N LEU A 453 9.15 -11.34 16.00
CA LEU A 453 8.20 -11.98 15.12
C LEU A 453 7.35 -13.01 15.91
N GLY A 454 7.97 -13.70 16.86
CA GLY A 454 7.28 -14.63 17.74
C GLY A 454 6.28 -13.93 18.65
N ASP A 455 6.67 -12.77 19.20
CA ASP A 455 5.80 -11.95 20.05
C ASP A 455 4.63 -11.34 19.25
N LEU A 456 4.86 -11.04 17.97
CA LEU A 456 3.81 -10.51 17.11
C LEU A 456 2.73 -11.57 16.89
N LEU A 457 3.14 -12.81 16.57
CA LEU A 457 2.21 -13.92 16.34
C LEU A 457 1.44 -14.28 17.60
N GLU A 458 2.07 -14.16 18.76
CA GLU A 458 1.41 -14.41 20.03
C GLU A 458 0.39 -13.30 20.32
N GLU A 459 0.76 -12.05 20.01
CA GLU A 459 -0.14 -10.92 20.20
C GLU A 459 -1.34 -11.02 19.26
N ARG A 460 -1.11 -11.46 18.02
CA ARG A 460 -2.19 -11.64 17.06
C ARG A 460 -3.23 -12.63 17.55
N GLN A 461 -2.79 -13.76 18.15
CA GLN A 461 -3.71 -14.74 18.68
C GLN A 461 -4.50 -14.22 19.86
N LYS A 462 -3.86 -13.44 20.74
CA LYS A 462 -4.55 -12.80 21.87
C LYS A 462 -5.61 -11.77 21.38
N VAL A 463 -5.34 -11.14 20.22
CA VAL A 463 -6.25 -10.18 19.61
C VAL A 463 -7.43 -10.89 18.97
N LYS A 464 -7.18 -12.03 18.27
CA LYS A 464 -8.24 -12.85 17.64
C LYS A 464 -9.20 -13.42 18.69
N LYS A 465 -8.70 -13.79 19.87
CA LYS A 465 -9.55 -14.33 20.94
C LYS A 465 -10.47 -13.22 21.47
N LYS A 466 -9.90 -12.04 21.68
CA LYS A 466 -10.65 -10.89 22.19
C LYS A 466 -11.74 -10.46 21.18
N MET A 467 -11.42 -10.53 19.88
CA MET A 467 -12.31 -10.18 18.79
C MET A 467 -13.55 -11.07 18.77
N LYS A 468 -13.33 -12.39 18.87
CA LYS A 468 -14.40 -13.37 18.87
C LYS A 468 -15.25 -13.35 20.12
N ALA A 469 -14.70 -12.87 21.24
CA ALA A 469 -15.45 -12.82 22.49
C ALA A 469 -16.21 -11.51 22.71
N THR A 470 -15.85 -10.44 21.98
CA THR A 470 -16.51 -9.16 22.18
C THR A 470 -17.79 -9.00 21.35
N ILE A 471 -18.88 -8.64 22.03
CA ILE A 471 -20.16 -8.42 21.37
C ILE A 471 -20.22 -7.03 20.73
N ASP A 472 -19.51 -6.03 21.31
CA ASP A 472 -19.45 -4.66 20.80
C ASP A 472 -18.92 -4.66 19.37
N PRO A 473 -19.77 -4.25 18.41
CA PRO A 473 -19.38 -4.29 16.99
C PRO A 473 -18.28 -3.31 16.60
N ILE A 474 -18.17 -2.19 17.33
CA ILE A 474 -17.13 -1.20 17.05
C ILE A 474 -15.78 -1.76 17.51
N GLU A 475 -15.74 -2.32 18.72
CA GLU A 475 -14.54 -2.92 19.27
C GLU A 475 -14.10 -4.13 18.43
N LYS A 476 -15.06 -4.91 17.91
CA LYS A 476 -14.75 -6.07 17.08
C LYS A 476 -14.04 -5.65 15.79
N LYS A 477 -14.49 -4.55 15.16
CA LYS A 477 -13.88 -4.01 13.94
C LYS A 477 -12.47 -3.51 14.26
N LEU A 478 -12.29 -2.86 15.41
CA LEU A 478 -10.98 -2.36 15.84
C LEU A 478 -10.00 -3.50 16.07
N LEU A 479 -10.44 -4.56 16.75
CA LEU A 479 -9.62 -5.75 16.98
C LEU A 479 -9.30 -6.44 15.64
N ASP A 480 -10.26 -6.45 14.72
CA ASP A 480 -10.07 -7.02 13.40
C ASP A 480 -8.96 -6.32 12.64
N TYR A 481 -8.94 -4.97 12.67
CA TYR A 481 -7.93 -4.15 12.02
C TYR A 481 -6.55 -4.42 12.63
N ARG A 482 -6.44 -4.40 13.98
CA ARG A 482 -5.18 -4.65 14.66
C ARG A 482 -4.61 -6.03 14.29
N GLN A 483 -5.49 -7.04 14.30
CA GLN A 483 -5.11 -8.41 13.97
C GLN A 483 -4.61 -8.52 12.54
N ARG A 484 -5.29 -7.84 11.60
CA ARG A 484 -4.91 -7.86 10.20
C ARG A 484 -3.60 -7.13 9.98
N LEU A 485 -3.40 -6.01 10.70
CA LEU A 485 -2.17 -5.23 10.59
C LEU A 485 -0.97 -5.99 11.17
N ILE A 486 -1.19 -6.83 12.18
CA ILE A 486 -0.11 -7.65 12.74
C ILE A 486 0.32 -8.69 11.71
N LYS A 487 -0.65 -9.31 11.02
CA LYS A 487 -0.35 -10.28 9.98
C LYS A 487 0.48 -9.64 8.85
N ILE A 488 0.10 -8.42 8.44
CA ILE A 488 0.82 -7.70 7.40
C ILE A 488 2.24 -7.33 7.85
N LEU A 489 2.40 -6.87 9.10
CA LEU A 489 3.72 -6.54 9.62
C LEU A 489 4.61 -7.80 9.70
N ALA A 490 4.06 -8.91 10.17
CA ALA A 490 4.77 -10.18 10.25
C ALA A 490 5.24 -10.67 8.86
N ASN A 491 4.40 -10.48 7.85
CA ASN A 491 4.73 -10.87 6.47
C ASN A 491 5.58 -9.84 5.72
N SER A 492 6.04 -8.79 6.39
CA SER A 492 6.89 -7.77 5.82
C SER A 492 8.37 -7.96 6.18
N PHE A 493 8.67 -8.81 7.18
CA PHE A 493 10.02 -9.06 7.65
C PHE A 493 10.92 -9.69 6.62
N TYR A 494 10.42 -10.65 5.83
CA TYR A 494 11.23 -11.30 4.81
C TYR A 494 11.71 -10.29 3.78
N GLY A 495 10.79 -9.50 3.25
CA GLY A 495 11.08 -8.48 2.27
C GLY A 495 12.02 -7.42 2.81
N TYR A 496 11.88 -7.11 4.11
CA TYR A 496 12.74 -6.15 4.80
C TYR A 496 14.19 -6.64 4.81
N TYR A 497 14.40 -7.95 4.96
CA TYR A 497 15.73 -8.56 4.93
C TYR A 497 16.47 -8.25 3.65
N GLY A 498 15.76 -8.21 2.52
CA GLY A 498 16.34 -7.90 1.23
C GLY A 498 16.17 -6.46 0.77
N TYR A 499 15.62 -5.61 1.64
CA TYR A 499 15.37 -4.19 1.39
C TYR A 499 16.66 -3.42 1.54
N ALA A 500 17.15 -2.89 0.43
CA ALA A 500 18.42 -2.19 0.31
C ALA A 500 18.65 -1.05 1.30
N LYS A 501 17.60 -0.29 1.61
CA LYS A 501 17.72 0.82 2.55
C LYS A 501 17.65 0.41 4.00
N ALA A 502 17.31 -0.88 4.30
CA ALA A 502 17.14 -1.38 5.66
C ALA A 502 18.39 -1.32 6.51
N ARG A 503 18.22 -0.96 7.77
CA ARG A 503 19.29 -0.92 8.76
C ARG A 503 19.69 -2.36 9.09
N TRP A 504 18.68 -3.24 9.29
CA TRP A 504 18.91 -4.63 9.59
C TRP A 504 18.87 -5.48 8.32
N TYR A 505 19.40 -4.95 7.21
CA TYR A 505 19.46 -5.67 5.95
C TYR A 505 20.36 -6.90 6.10
N CYS A 506 19.95 -8.01 5.49
CA CYS A 506 20.73 -9.23 5.49
C CYS A 506 20.34 -10.10 4.31
N LYS A 507 21.17 -10.09 3.26
CA LYS A 507 20.89 -10.89 2.08
C LYS A 507 20.99 -12.38 2.41
N GLU A 508 21.92 -12.78 3.28
CA GLU A 508 22.09 -14.16 3.70
C GLU A 508 20.83 -14.68 4.37
N CYS A 509 20.17 -13.84 5.19
CA CYS A 509 18.91 -14.19 5.83
C CYS A 509 17.82 -14.36 4.80
N ALA A 510 17.71 -13.43 3.85
CA ALA A 510 16.69 -13.46 2.82
C ALA A 510 16.81 -14.72 1.95
N GLU A 511 18.03 -15.04 1.43
CA GLU A 511 18.30 -16.21 0.61
C GLU A 511 18.02 -17.49 1.37
N SER A 512 18.31 -17.51 2.68
CA SER A 512 18.12 -18.68 3.54
C SER A 512 16.64 -19.00 3.71
N VAL A 513 15.81 -17.97 3.84
CA VAL A 513 14.37 -18.14 3.99
C VAL A 513 13.79 -18.78 2.71
N THR A 514 14.20 -18.28 1.54
CA THR A 514 13.71 -18.83 0.27
C THR A 514 14.26 -20.22 0.01
N ALA A 515 15.51 -20.50 0.42
CA ALA A 515 16.10 -21.82 0.26
C ALA A 515 15.38 -22.83 1.12
N TRP A 516 15.06 -22.46 2.37
CA TRP A 516 14.31 -23.33 3.25
C TRP A 516 12.90 -23.56 2.71
N GLY A 517 12.28 -22.50 2.18
CA GLY A 517 10.96 -22.56 1.59
C GLY A 517 10.92 -23.50 0.40
N ARG A 518 11.96 -23.45 -0.44
CA ARG A 518 12.08 -24.34 -1.59
C ARG A 518 12.20 -25.78 -1.11
N GLN A 519 12.95 -26.02 -0.03
CA GLN A 519 13.11 -27.36 0.51
C GLN A 519 11.81 -27.92 1.07
N TYR A 520 11.10 -27.16 1.88
CA TYR A 520 9.85 -27.63 2.47
C TYR A 520 8.78 -27.93 1.45
N ILE A 521 8.65 -27.10 0.42
CA ILE A 521 7.65 -27.32 -0.61
C ILE A 521 8.04 -28.54 -1.45
N GLU A 522 9.33 -28.71 -1.80
CA GLU A 522 9.77 -29.83 -2.63
C GLU A 522 9.73 -31.16 -1.88
N THR A 523 10.06 -31.15 -0.58
CA THR A 523 10.01 -32.37 0.21
C THR A 523 8.55 -32.80 0.41
N THR A 524 7.62 -31.86 0.60
CA THR A 524 6.20 -32.17 0.76
C THR A 524 5.60 -32.74 -0.53
N ILE A 525 6.07 -32.26 -1.68
CA ILE A 525 5.61 -32.76 -2.97
C ILE A 525 6.03 -34.22 -3.18
N ARG A 526 7.32 -34.53 -3.01
CA ARG A 526 7.80 -35.92 -3.16
C ARG A 526 7.14 -36.85 -2.15
N GLU A 527 6.83 -36.34 -0.95
CA GLU A 527 6.17 -37.11 0.09
C GLU A 527 4.75 -37.51 -0.33
N ILE A 528 3.96 -36.56 -0.87
CA ILE A 528 2.60 -36.83 -1.31
C ILE A 528 2.56 -37.67 -2.58
N GLU A 529 3.61 -37.64 -3.39
CA GLU A 529 3.67 -38.43 -4.63
C GLU A 529 4.04 -39.88 -4.31
N GLU A 530 5.12 -40.07 -3.56
CA GLU A 530 5.65 -41.39 -3.23
C GLU A 530 4.80 -42.19 -2.26
N LYS A 531 4.28 -41.54 -1.22
CA LYS A 531 3.57 -42.26 -0.18
C LYS A 531 2.05 -42.20 -0.28
N PHE A 532 1.51 -41.29 -1.09
CA PHE A 532 0.05 -41.19 -1.22
C PHE A 532 -0.47 -41.30 -2.66
N GLY A 533 0.44 -41.46 -3.62
CA GLY A 533 0.06 -41.64 -5.01
C GLY A 533 -0.63 -40.45 -5.67
N PHE A 534 -0.35 -39.25 -5.18
CA PHE A 534 -0.90 -38.04 -5.76
C PHE A 534 -0.01 -37.58 -6.92
N LYS A 535 -0.59 -36.88 -7.86
CA LYS A 535 0.14 -36.24 -8.94
C LYS A 535 0.07 -34.75 -8.62
N VAL A 536 1.24 -34.11 -8.54
CA VAL A 536 1.29 -32.68 -8.27
C VAL A 536 1.29 -31.97 -9.60
N LEU A 537 0.19 -31.30 -9.90
CA LEU A 537 -0.04 -30.64 -11.17
C LEU A 537 0.69 -29.33 -11.31
N TYR A 538 0.79 -28.56 -10.23
CA TYR A 538 1.44 -27.25 -10.27
C TYR A 538 1.79 -26.79 -8.86
N ALA A 539 2.87 -26.02 -8.71
CA ALA A 539 3.27 -25.50 -7.41
C ALA A 539 3.94 -24.13 -7.53
N ASP A 540 3.65 -23.21 -6.60
CA ASP A 540 4.26 -21.88 -6.59
C ASP A 540 4.52 -21.38 -5.18
N THR A 541 5.82 -21.36 -4.80
CA THR A 541 6.41 -20.82 -3.57
C THR A 541 5.95 -21.51 -2.26
N ASP A 542 4.66 -21.45 -1.90
CA ASP A 542 4.20 -22.00 -0.63
C ASP A 542 2.99 -22.91 -0.72
N GLY A 543 2.62 -23.33 -1.92
CA GLY A 543 1.47 -24.21 -2.09
C GLY A 543 1.47 -24.96 -3.40
N PHE A 544 0.67 -26.03 -3.48
CA PHE A 544 0.58 -26.81 -4.70
C PHE A 544 -0.83 -27.35 -4.96
N PHE A 545 -1.11 -27.68 -6.23
CA PHE A 545 -2.36 -28.30 -6.66
C PHE A 545 -2.06 -29.77 -6.92
N ALA A 546 -2.84 -30.66 -6.31
CA ALA A 546 -2.60 -32.11 -6.43
C ALA A 546 -3.89 -32.89 -6.67
N THR A 547 -3.78 -34.09 -7.25
CA THR A 547 -4.93 -34.98 -7.47
C THR A 547 -4.50 -36.44 -7.58
N ILE A 548 -5.46 -37.39 -7.48
CA ILE A 548 -5.20 -38.79 -7.74
C ILE A 548 -5.95 -39.05 -9.03
N PRO A 549 -5.20 -39.13 -10.15
CA PRO A 549 -5.83 -39.17 -11.48
C PRO A 549 -7.03 -40.07 -11.68
N GLY A 550 -7.05 -41.23 -11.04
CA GLY A 550 -8.16 -42.15 -11.19
C GLY A 550 -9.12 -42.24 -10.02
N ALA A 551 -9.02 -41.29 -9.08
CA ALA A 551 -9.86 -41.33 -7.89
C ALA A 551 -11.03 -40.37 -7.90
N ASP A 552 -12.11 -40.75 -7.19
CA ASP A 552 -13.30 -39.90 -7.15
C ASP A 552 -13.14 -38.79 -6.11
N ALA A 553 -14.04 -37.82 -6.15
CA ALA A 553 -13.99 -36.60 -5.35
C ALA A 553 -13.88 -36.81 -3.84
N GLU A 554 -14.72 -37.66 -3.25
CA GLU A 554 -14.66 -37.92 -1.82
C GLU A 554 -13.37 -38.67 -1.43
N THR A 555 -12.85 -39.50 -2.36
CA THR A 555 -11.62 -40.26 -2.15
C THR A 555 -10.43 -39.32 -2.12
N VAL A 556 -10.38 -38.34 -3.03
CA VAL A 556 -9.26 -37.41 -3.05
C VAL A 556 -9.26 -36.52 -1.82
N LYS A 557 -10.45 -36.09 -1.37
CA LYS A 557 -10.57 -35.27 -0.17
C LYS A 557 -10.06 -36.02 1.06
N LYS A 558 -10.52 -37.28 1.23
CA LYS A 558 -10.11 -38.13 2.36
C LYS A 558 -8.59 -38.34 2.40
N LYS A 559 -7.99 -38.75 1.28
CA LYS A 559 -6.56 -38.99 1.21
C LYS A 559 -5.76 -37.72 1.47
N ALA A 560 -6.29 -36.55 1.06
CA ALA A 560 -5.62 -35.28 1.29
C ALA A 560 -5.58 -34.96 2.78
N LYS A 561 -6.70 -35.21 3.50
CA LYS A 561 -6.77 -35.01 4.95
C LYS A 561 -5.82 -35.94 5.68
N GLU A 562 -5.68 -37.18 5.19
CA GLU A 562 -4.76 -38.15 5.77
C GLU A 562 -3.32 -37.74 5.53
N PHE A 563 -3.01 -37.17 4.35
CA PHE A 563 -1.65 -36.70 4.07
C PHE A 563 -1.31 -35.55 4.99
N LEU A 564 -2.26 -34.63 5.23
CA LEU A 564 -2.06 -33.49 6.10
C LEU A 564 -1.71 -33.93 7.50
N ASP A 565 -2.39 -34.95 8.02
CA ASP A 565 -2.10 -35.49 9.35
C ASP A 565 -0.69 -36.09 9.39
N TYR A 566 -0.29 -36.77 8.31
CA TYR A 566 1.04 -37.39 8.20
C TYR A 566 2.18 -36.38 8.17
N ILE A 567 2.17 -35.45 7.21
CA ILE A 567 3.26 -34.49 7.03
C ILE A 567 3.33 -33.47 8.15
N ASN A 568 2.18 -33.10 8.76
CA ASN A 568 2.18 -32.15 9.88
C ASN A 568 2.86 -32.70 11.12
N ALA A 569 2.91 -34.04 11.27
CA ALA A 569 3.62 -34.67 12.38
C ALA A 569 5.14 -34.64 12.15
N LYS A 570 5.57 -34.61 10.87
CA LYS A 570 6.97 -34.59 10.47
C LYS A 570 7.56 -33.17 10.38
N LEU A 571 6.73 -32.16 10.16
CA LEU A 571 7.20 -30.78 10.01
C LEU A 571 7.71 -30.22 11.31
N PRO A 572 8.83 -29.48 11.26
CA PRO A 572 9.39 -28.91 12.50
C PRO A 572 8.79 -27.57 12.89
N GLY A 573 8.87 -27.25 14.18
CA GLY A 573 8.41 -25.98 14.73
C GLY A 573 7.07 -25.46 14.28
N LEU A 574 7.06 -24.21 13.79
CA LEU A 574 5.85 -23.49 13.36
C LEU A 574 5.31 -23.88 11.99
N LEU A 575 6.07 -24.66 11.22
CA LEU A 575 5.65 -25.05 9.88
C LEU A 575 4.43 -25.96 9.87
N GLU A 576 3.43 -25.62 9.08
CA GLU A 576 2.20 -26.38 9.02
C GLU A 576 1.54 -26.30 7.64
N LEU A 577 1.18 -27.45 7.08
CA LEU A 577 0.49 -27.50 5.80
C LEU A 577 -1.03 -27.51 6.06
N GLU A 578 -1.78 -26.83 5.20
CA GLU A 578 -3.22 -26.64 5.36
C GLU A 578 -4.04 -26.97 4.11
N TYR A 579 -5.33 -27.30 4.30
CA TYR A 579 -6.26 -27.60 3.21
C TYR A 579 -6.90 -26.27 2.83
N GLU A 580 -6.53 -25.71 1.65
CA GLU A 580 -7.12 -24.43 1.26
C GLU A 580 -7.92 -24.49 -0.04
N GLY A 581 -8.79 -25.50 -0.19
CA GLY A 581 -9.69 -25.57 -1.34
C GLY A 581 -9.72 -26.81 -2.21
N PHE A 582 -10.92 -27.18 -2.66
CA PHE A 582 -11.12 -28.29 -3.59
C PHE A 582 -11.72 -27.75 -4.91
N TYR A 583 -11.25 -28.29 -6.05
CA TYR A 583 -11.71 -27.83 -7.37
C TYR A 583 -12.12 -29.00 -8.26
N LYS A 584 -13.33 -28.92 -8.81
CA LYS A 584 -13.90 -29.95 -9.66
C LYS A 584 -13.05 -30.22 -10.90
N ARG A 585 -12.56 -29.18 -11.58
CA ARG A 585 -11.69 -29.32 -12.76
C ARG A 585 -10.67 -28.20 -12.82
N GLY A 586 -9.61 -28.39 -13.62
CA GLY A 586 -8.57 -27.37 -13.73
C GLY A 586 -7.52 -27.63 -14.79
N PHE A 587 -6.93 -26.55 -15.30
CA PHE A 587 -5.85 -26.65 -16.27
C PHE A 587 -4.78 -25.64 -15.97
N PHE A 588 -3.53 -26.05 -16.12
CA PHE A 588 -2.38 -25.24 -15.77
C PHE A 588 -1.55 -25.01 -17.03
N VAL A 589 -1.65 -23.78 -17.58
CA VAL A 589 -1.04 -23.38 -18.84
C VAL A 589 0.50 -23.29 -18.76
N THR A 590 1.02 -22.37 -17.94
CA THR A 590 2.45 -22.16 -17.71
C THR A 590 2.58 -21.75 -16.23
N LYS A 591 3.80 -21.39 -15.79
CA LYS A 591 4.03 -20.85 -14.47
C LYS A 591 3.25 -19.52 -14.36
N LYS A 592 2.54 -19.33 -13.24
CA LYS A 592 1.71 -18.17 -12.95
C LYS A 592 0.42 -18.08 -13.81
N LYS A 593 0.21 -19.04 -14.72
CA LYS A 593 -0.98 -19.03 -15.60
C LYS A 593 -1.79 -20.33 -15.49
N TYR A 594 -3.01 -20.24 -14.97
CA TYR A 594 -3.89 -21.38 -14.81
C TYR A 594 -5.36 -20.99 -14.62
N ALA A 595 -6.26 -21.97 -14.67
CA ALA A 595 -7.68 -21.75 -14.47
C ALA A 595 -8.29 -22.99 -13.81
N VAL A 596 -9.17 -22.76 -12.84
CA VAL A 596 -9.76 -23.82 -12.04
C VAL A 596 -11.25 -23.53 -11.77
N ILE A 597 -12.03 -24.52 -11.32
CA ILE A 597 -13.46 -24.30 -11.06
C ILE A 597 -13.87 -25.07 -9.80
N ASP A 598 -14.60 -24.43 -8.88
CA ASP A 598 -15.01 -25.11 -7.65
C ASP A 598 -16.34 -25.91 -7.83
N GLU A 599 -16.85 -26.55 -6.76
CA GLU A 599 -18.09 -27.33 -6.80
C GLU A 599 -19.30 -26.42 -7.09
N GLU A 600 -19.28 -25.18 -6.56
CA GLU A 600 -20.32 -24.17 -6.80
C GLU A 600 -20.35 -23.66 -8.27
N ASP A 601 -19.49 -24.23 -9.15
CA ASP A 601 -19.32 -23.89 -10.56
C ASP A 601 -18.72 -22.50 -10.77
N LYS A 602 -17.87 -22.05 -9.83
CA LYS A 602 -17.24 -20.73 -9.93
C LYS A 602 -15.83 -20.82 -10.51
N ILE A 603 -15.64 -20.20 -11.68
CA ILE A 603 -14.37 -20.17 -12.39
C ILE A 603 -13.38 -19.18 -11.76
N THR A 604 -12.23 -19.68 -11.32
CA THR A 604 -11.18 -18.85 -10.74
C THR A 604 -10.00 -18.89 -11.71
N THR A 605 -9.45 -17.73 -12.04
CA THR A 605 -8.39 -17.64 -13.02
C THR A 605 -7.14 -16.93 -12.50
N ARG A 606 -6.01 -17.08 -13.21
CA ARG A 606 -4.78 -16.37 -12.88
C ARG A 606 -3.90 -16.28 -14.13
N GLY A 607 -3.46 -15.08 -14.48
CA GLY A 607 -2.56 -14.89 -15.62
C GLY A 607 -3.17 -14.91 -17.00
N LEU A 608 -4.39 -14.40 -17.13
CA LEU A 608 -5.08 -14.34 -18.43
C LEU A 608 -5.13 -12.89 -18.97
N GLU A 609 -5.39 -12.77 -20.27
CA GLU A 609 -5.48 -11.50 -20.98
C GLU A 609 -6.51 -10.52 -20.39
N ILE A 610 -7.39 -10.99 -19.51
CA ILE A 610 -8.41 -10.14 -18.90
C ILE A 610 -7.80 -9.13 -17.92
N ARG A 612 -6.17 -6.01 -20.18
CA ARG A 612 -5.97 -4.66 -20.74
C ARG A 612 -7.29 -3.93 -20.99
N ARG A 613 -7.23 -2.58 -21.09
CA ARG A 613 -8.38 -1.69 -21.26
C ARG A 613 -8.98 -1.66 -22.68
N ASP A 614 -8.23 -2.14 -23.66
CA ASP A 614 -8.67 -2.14 -25.05
C ASP A 614 -9.44 -3.45 -25.34
N TRP A 615 -10.56 -3.69 -24.63
CA TRP A 615 -11.31 -4.93 -24.84
C TRP A 615 -12.83 -4.74 -25.00
N SER A 616 -13.41 -5.48 -25.96
CA SER A 616 -14.84 -5.51 -26.35
C SER A 616 -15.58 -6.63 -25.63
N GLU A 617 -16.91 -6.52 -25.57
CA GLU A 617 -17.76 -7.53 -24.95
C GLU A 617 -17.73 -8.87 -25.70
N ILE A 618 -17.41 -8.88 -27.01
CA ILE A 618 -17.31 -10.12 -27.78
C ILE A 618 -16.09 -10.91 -27.34
N ALA A 619 -14.97 -10.23 -27.07
CA ALA A 619 -13.75 -10.89 -26.64
C ALA A 619 -13.90 -11.42 -25.20
N LYS A 620 -14.58 -10.64 -24.33
CA LYS A 620 -14.81 -11.06 -22.94
C LYS A 620 -15.80 -12.24 -22.89
N GLU A 621 -16.84 -12.19 -23.73
CA GLU A 621 -17.87 -13.23 -23.82
C GLU A 621 -17.30 -14.55 -24.33
N THR A 622 -16.49 -14.50 -25.39
CA THR A 622 -15.88 -15.68 -25.99
C THR A 622 -14.90 -16.35 -25.01
N GLN A 623 -14.12 -15.55 -24.25
CA GLN A 623 -13.19 -16.11 -23.27
C GLN A 623 -13.94 -16.83 -22.17
N ALA A 624 -15.03 -16.24 -21.70
CA ALA A 624 -15.87 -16.85 -20.68
C ALA A 624 -16.51 -18.12 -21.20
N ARG A 625 -16.94 -18.12 -22.48
CA ARG A 625 -17.55 -19.28 -23.11
C ARG A 625 -16.56 -20.40 -23.30
N VAL A 626 -15.31 -20.07 -23.65
CA VAL A 626 -14.31 -21.10 -23.84
C VAL A 626 -13.91 -21.69 -22.51
N LEU A 627 -13.72 -20.85 -21.49
CA LEU A 627 -13.37 -21.31 -20.15
C LEU A 627 -14.45 -22.20 -19.57
N GLU A 628 -15.72 -21.85 -19.82
CA GLU A 628 -16.85 -22.62 -19.33
C GLU A 628 -16.93 -23.97 -20.02
N ALA A 629 -16.73 -24.02 -21.34
CA ALA A 629 -16.78 -25.28 -22.07
C ALA A 629 -15.70 -26.25 -21.59
N ILE A 630 -14.53 -25.73 -21.22
CA ILE A 630 -13.43 -26.55 -20.77
C ILE A 630 -13.61 -26.98 -19.32
N LEU A 631 -13.88 -26.04 -18.43
CA LEU A 631 -13.96 -26.32 -17.01
C LEU A 631 -15.30 -26.88 -16.54
N LYS A 632 -16.39 -26.45 -17.13
CA LYS A 632 -17.73 -26.89 -16.73
C LYS A 632 -18.20 -28.13 -17.50
N HIS A 633 -17.89 -28.21 -18.81
CA HIS A 633 -18.30 -29.36 -19.62
C HIS A 633 -17.20 -30.38 -19.89
N GLY A 634 -15.95 -30.02 -19.61
CA GLY A 634 -14.80 -30.87 -19.90
C GLY A 634 -14.58 -31.09 -21.40
N ASP A 635 -15.15 -30.20 -22.22
CA ASP A 635 -15.12 -30.31 -23.67
C ASP A 635 -14.19 -29.27 -24.31
N VAL A 636 -12.95 -29.65 -24.59
CA VAL A 636 -11.98 -28.76 -25.23
C VAL A 636 -12.28 -28.57 -26.70
N GLU A 637 -12.78 -29.62 -27.38
CA GLU A 637 -13.17 -29.53 -28.79
C GLU A 637 -14.36 -28.58 -28.98
N GLU A 638 -15.22 -28.44 -27.96
CA GLU A 638 -16.37 -27.53 -28.00
C GLU A 638 -15.88 -26.11 -27.89
N ALA A 639 -14.89 -25.85 -27.02
CA ALA A 639 -14.29 -24.54 -26.86
C ALA A 639 -13.71 -24.05 -28.19
N VAL A 640 -13.15 -24.96 -29.00
CA VAL A 640 -12.59 -24.62 -30.29
C VAL A 640 -13.68 -24.27 -31.28
N ARG A 641 -14.76 -25.06 -31.31
CA ARG A 641 -15.90 -24.81 -32.19
C ARG A 641 -16.54 -23.46 -31.88
N ILE A 642 -16.59 -23.07 -30.59
CA ILE A 642 -17.14 -21.77 -30.19
C ILE A 642 -16.34 -20.63 -30.81
N VAL A 643 -15.01 -20.71 -30.77
CA VAL A 643 -14.16 -19.69 -31.38
C VAL A 643 -14.33 -19.66 -32.89
N LYS A 644 -14.41 -20.84 -33.52
CA LYS A 644 -14.63 -20.96 -34.96
C LYS A 644 -15.98 -20.38 -35.34
N GLU A 645 -17.00 -20.61 -34.51
CA GLU A 645 -18.35 -20.11 -34.71
C GLU A 645 -18.32 -18.59 -34.62
N VAL A 646 -17.67 -18.03 -33.58
CA VAL A 646 -17.59 -16.59 -33.37
C VAL A 646 -16.84 -15.88 -34.50
N THR A 647 -15.70 -16.42 -34.93
CA THR A 647 -14.93 -15.82 -36.03
C THR A 647 -15.70 -15.88 -37.35
N GLU A 648 -16.49 -16.94 -37.56
CA GLU A 648 -17.29 -17.08 -38.76
C GLU A 648 -18.45 -16.09 -38.72
N LYS A 649 -19.08 -15.92 -37.55
CA LYS A 649 -20.17 -14.97 -37.40
C LYS A 649 -19.66 -13.53 -37.57
N LEU A 650 -18.44 -13.24 -37.10
CA LEU A 650 -17.85 -11.93 -37.25
C LEU A 650 -17.57 -11.63 -38.71
N SER A 651 -17.01 -12.61 -39.44
CA SER A 651 -16.68 -12.43 -40.85
C SER A 651 -17.94 -12.30 -41.73
N LYS A 652 -19.03 -12.94 -41.32
CA LYS A 652 -20.29 -12.86 -42.06
C LYS A 652 -21.24 -11.76 -41.53
N TYR A 653 -20.75 -10.89 -40.63
CA TYR A 653 -21.48 -9.76 -40.06
C TYR A 653 -22.78 -10.15 -39.39
N GLU A 654 -22.78 -11.24 -38.64
CA GLU A 654 -23.96 -11.69 -37.91
C GLU A 654 -23.95 -11.31 -36.42
N VAL A 655 -22.83 -10.73 -35.93
CA VAL A 655 -22.69 -10.35 -34.53
C VAL A 655 -23.25 -8.96 -34.29
N PRO A 656 -24.14 -8.83 -33.28
CA PRO A 656 -24.72 -7.51 -32.97
C PRO A 656 -23.66 -6.48 -32.59
N PRO A 657 -23.83 -5.23 -33.03
CA PRO A 657 -22.83 -4.19 -32.76
C PRO A 657 -22.63 -3.86 -31.28
N GLU A 658 -23.64 -4.15 -30.45
CA GLU A 658 -23.60 -3.89 -29.01
C GLU A 658 -22.49 -4.68 -28.32
N LYS A 659 -22.19 -5.88 -28.83
CA LYS A 659 -21.10 -6.69 -28.27
C LYS A 659 -19.72 -6.31 -28.85
N LEU A 660 -19.63 -5.23 -29.61
CA LEU A 660 -18.37 -4.79 -30.19
C LEU A 660 -17.86 -3.47 -29.62
N VAL A 661 -18.54 -2.91 -28.62
CA VAL A 661 -18.12 -1.63 -28.05
C VAL A 661 -16.89 -1.80 -27.17
N ILE A 662 -15.90 -0.92 -27.36
CA ILE A 662 -14.66 -0.94 -26.61
C ILE A 662 -14.66 0.23 -25.65
N TYR A 663 -14.33 -0.04 -24.38
CA TYR A 663 -14.29 0.99 -23.35
C TYR A 663 -12.83 1.30 -22.96
N GLU A 664 -12.44 2.57 -23.06
CA GLU A 664 -11.09 3.00 -22.73
C GLU A 664 -11.12 4.29 -21.92
N THR A 676 -1.86 6.39 -31.38
CA THR A 676 -2.17 5.01 -30.98
C THR A 676 -3.21 4.31 -31.85
N GLY A 677 -3.57 4.91 -32.99
CA GLY A 677 -4.55 4.33 -33.91
C GLY A 677 -6.00 4.64 -33.61
N PRO A 678 -6.78 3.60 -33.26
CA PRO A 678 -8.21 3.81 -33.01
C PRO A 678 -8.54 4.84 -31.93
N HIS A 679 -7.76 4.84 -30.83
CA HIS A 679 -7.98 5.75 -29.72
C HIS A 679 -7.75 7.22 -30.09
N VAL A 680 -6.73 7.51 -30.91
CA VAL A 680 -6.49 8.89 -31.31
C VAL A 680 -7.51 9.33 -32.38
N ALA A 681 -7.97 8.40 -33.22
CA ALA A 681 -8.98 8.70 -34.23
C ALA A 681 -10.31 9.04 -33.54
N VAL A 682 -10.66 8.25 -32.51
CA VAL A 682 -11.89 8.51 -31.78
C VAL A 682 -11.78 9.77 -30.93
N ALA A 683 -10.56 10.14 -30.48
CA ALA A 683 -10.35 11.36 -29.71
C ALA A 683 -10.65 12.58 -30.56
N LYS A 684 -10.25 12.57 -31.83
CA LYS A 684 -10.49 13.68 -32.73
C LYS A 684 -11.99 13.89 -32.98
N ARG A 685 -12.74 12.79 -33.10
CA ARG A 685 -14.19 12.85 -33.31
C ARG A 685 -14.90 13.36 -32.07
N LEU A 686 -14.40 13.01 -30.88
CA LEU A 686 -15.04 13.46 -29.65
C LEU A 686 -14.73 14.93 -29.40
N ALA A 687 -13.49 15.36 -29.66
CA ALA A 687 -13.13 16.77 -29.51
C ALA A 687 -13.88 17.64 -30.52
N ALA A 688 -14.21 17.08 -31.70
CA ALA A 688 -14.99 17.78 -32.71
C ALA A 688 -16.41 18.11 -32.21
N ARG A 689 -16.94 17.29 -31.29
CA ARG A 689 -18.28 17.51 -30.75
C ARG A 689 -18.34 18.40 -29.50
N GLY A 690 -17.25 19.04 -29.15
CA GLY A 690 -17.21 19.90 -27.97
C GLY A 690 -16.74 19.20 -26.71
N ILE A 691 -16.76 17.85 -26.69
CA ILE A 691 -16.31 17.08 -25.52
C ILE A 691 -14.80 17.19 -25.35
N LYS A 692 -14.38 17.69 -24.19
CA LYS A 692 -12.98 17.92 -23.84
C LYS A 692 -12.24 16.62 -23.59
N ILE A 693 -10.93 16.59 -23.88
CA ILE A 693 -10.13 15.40 -23.67
C ILE A 693 -9.71 15.32 -22.21
N ARG A 694 -10.35 14.44 -21.45
CA ARG A 694 -10.07 14.32 -20.02
C ARG A 694 -9.74 12.88 -19.67
N PRO A 695 -8.80 12.66 -18.73
CA PRO A 695 -8.48 11.27 -18.35
C PRO A 695 -9.67 10.61 -17.69
N GLY A 696 -10.17 9.55 -18.33
CA GLY A 696 -11.32 8.80 -17.84
C GLY A 696 -11.59 7.58 -18.69
N THR A 697 -12.08 6.51 -18.06
CA THR A 697 -12.40 5.28 -18.77
C THR A 697 -13.87 5.27 -19.25
N VAL A 698 -14.31 6.41 -19.81
CA VAL A 698 -15.70 6.60 -20.27
C VAL A 698 -15.85 6.52 -21.79
N ILE A 699 -14.75 6.42 -22.57
CA ILE A 699 -14.85 6.41 -24.04
C ILE A 699 -15.34 5.07 -24.60
N SER A 700 -16.57 5.07 -25.14
CA SER A 700 -17.18 3.88 -25.73
C SER A 700 -17.22 4.01 -27.26
N TYR A 701 -16.35 3.26 -27.94
CA TYR A 701 -16.25 3.34 -29.39
C TYR A 701 -16.33 1.99 -30.10
N ILE A 702 -16.54 2.01 -31.42
CA ILE A 702 -16.55 0.81 -32.25
C ILE A 702 -15.63 1.03 -33.46
N VAL A 703 -14.92 -0.02 -33.89
CA VAL A 703 -13.99 0.07 -35.00
C VAL A 703 -14.66 -0.26 -36.32
N LEU A 704 -14.58 0.64 -37.30
CA LEU A 704 -15.19 0.43 -38.62
C LEU A 704 -14.16 0.02 -39.67
N LYS A 705 -14.62 -0.45 -40.86
CA LYS A 705 -13.69 -0.73 -41.96
C LYS A 705 -13.33 0.68 -42.49
N GLY A 706 -12.21 1.23 -42.00
CA GLY A 706 -11.82 2.60 -42.33
C GLY A 706 -10.91 2.74 -43.53
N SER A 707 -10.30 1.64 -43.99
CA SER A 707 -9.39 1.61 -45.13
C SER A 707 -8.23 2.61 -45.01
N GLY A 708 -7.60 2.62 -43.83
CA GLY A 708 -6.49 3.50 -43.55
C GLY A 708 -5.19 2.76 -43.28
N ARG A 709 -5.12 1.99 -42.18
CA ARG A 709 -3.92 1.25 -41.83
C ARG A 709 -4.25 -0.03 -41.05
N ARG A 713 -10.58 5.09 -38.05
CA ARG A 713 -11.62 4.08 -38.22
C ARG A 713 -12.59 3.95 -37.05
N ALA A 714 -12.25 4.53 -35.89
CA ALA A 714 -13.08 4.42 -34.71
C ALA A 714 -14.08 5.56 -34.56
N ILE A 715 -15.32 5.22 -34.20
CA ILE A 715 -16.38 6.18 -33.94
C ILE A 715 -17.06 5.86 -32.62
N PRO A 716 -17.63 6.86 -31.91
CA PRO A 716 -18.39 6.56 -30.69
C PRO A 716 -19.58 5.66 -31.00
N PHE A 717 -19.90 4.71 -30.10
CA PHE A 717 -20.97 3.75 -30.34
C PHE A 717 -22.37 4.39 -30.47
N ASP A 718 -22.57 5.57 -29.87
CA ASP A 718 -23.84 6.29 -29.98
C ASP A 718 -24.18 6.62 -31.44
N GLU A 719 -23.16 6.88 -32.26
CA GLU A 719 -23.34 7.26 -33.65
C GLU A 719 -23.36 6.08 -34.63
N PHE A 720 -23.19 4.85 -34.15
CA PHE A 720 -23.17 3.68 -35.01
C PHE A 720 -24.54 3.43 -35.66
N ASP A 721 -24.54 3.27 -36.98
CA ASP A 721 -25.76 2.96 -37.72
C ASP A 721 -25.43 1.90 -38.75
N PRO A 722 -26.11 0.73 -38.69
CA PRO A 722 -25.84 -0.34 -39.66
C PRO A 722 -26.02 0.04 -41.12
N ALA A 723 -26.87 1.02 -41.40
CA ALA A 723 -27.10 1.47 -42.77
C ALA A 723 -25.99 2.41 -43.28
N LYS A 724 -25.25 3.06 -42.38
CA LYS A 724 -24.17 3.98 -42.74
C LYS A 724 -22.78 3.40 -42.49
N HIS A 725 -22.68 2.48 -41.53
CA HIS A 725 -21.40 1.96 -41.08
C HIS A 725 -21.33 0.45 -41.06
N LYS A 726 -20.12 -0.07 -41.27
CA LYS A 726 -19.84 -1.50 -41.24
C LYS A 726 -18.61 -1.69 -40.39
N TYR A 727 -18.71 -2.50 -39.34
CA TYR A 727 -17.58 -2.73 -38.45
C TYR A 727 -16.45 -3.54 -39.10
N ASP A 728 -15.24 -3.43 -38.58
CA ASP A 728 -14.09 -4.12 -39.12
C ASP A 728 -14.02 -5.54 -38.56
N ALA A 729 -14.55 -6.49 -39.32
CA ALA A 729 -14.56 -7.90 -38.93
C ALA A 729 -13.17 -8.45 -38.68
N GLU A 730 -12.19 -8.10 -39.52
CA GLU A 730 -10.82 -8.56 -39.36
C GLU A 730 -10.18 -8.03 -38.09
N TYR A 731 -10.50 -6.80 -37.70
CA TYR A 731 -9.97 -6.21 -36.48
C TYR A 731 -10.48 -6.97 -35.26
N TYR A 732 -11.80 -7.22 -35.20
CA TYR A 732 -12.40 -7.91 -34.06
C TYR A 732 -12.01 -9.39 -33.98
N ILE A 733 -11.53 -9.97 -35.08
CA ILE A 733 -11.08 -11.34 -35.09
C ILE A 733 -9.61 -11.37 -34.64
N GLU A 734 -8.74 -10.60 -35.31
CA GLU A 734 -7.30 -10.64 -35.07
C GLU A 734 -6.78 -9.82 -33.89
N ASN A 735 -7.49 -8.78 -33.49
CA ASN A 735 -7.05 -7.91 -32.40
C ASN A 735 -7.89 -8.09 -31.13
N GLN A 736 -9.09 -8.67 -31.25
CA GLN A 736 -9.96 -8.81 -30.09
C GLN A 736 -10.21 -10.27 -29.64
N VAL A 737 -10.97 -11.05 -30.43
CA VAL A 737 -11.34 -12.40 -30.05
C VAL A 737 -10.14 -13.38 -29.98
N LEU A 738 -9.37 -13.52 -31.07
CA LEU A 738 -8.24 -14.44 -31.07
C LEU A 738 -7.22 -14.15 -29.96
N PRO A 739 -6.72 -12.91 -29.76
CA PRO A 739 -5.77 -12.69 -28.66
C PRO A 739 -6.30 -13.03 -27.27
N ALA A 740 -7.60 -12.83 -27.03
CA ALA A 740 -8.21 -13.14 -25.74
C ALA A 740 -8.30 -14.63 -25.43
N VAL A 741 -8.43 -15.47 -26.47
CA VAL A 741 -8.53 -16.92 -26.25
C VAL A 741 -7.26 -17.69 -26.59
N GLU A 742 -6.37 -17.10 -27.37
CA GLU A 742 -5.16 -17.73 -27.86
C GLU A 742 -4.32 -18.39 -26.78
N ARG A 743 -3.99 -17.69 -25.68
CA ARG A 743 -3.14 -18.28 -24.64
C ARG A 743 -3.79 -19.51 -24.01
N ILE A 744 -5.12 -19.49 -23.87
CA ILE A 744 -5.84 -20.63 -23.30
C ILE A 744 -5.81 -21.82 -24.24
N LEU A 745 -6.12 -21.60 -25.51
CA LEU A 745 -6.17 -22.68 -26.48
C LEU A 745 -4.80 -23.12 -26.99
N ARG A 746 -3.74 -22.33 -26.82
CA ARG A 746 -2.39 -22.76 -27.20
C ARG A 746 -1.87 -23.85 -26.22
N ALA A 747 -2.34 -23.82 -24.96
CA ALA A 747 -2.01 -24.83 -23.96
C ALA A 747 -2.55 -26.22 -24.35
N PHE A 748 -3.64 -26.26 -25.12
CA PHE A 748 -4.25 -27.50 -25.60
C PHE A 748 -3.77 -27.96 -26.99
N GLY A 749 -2.84 -27.21 -27.60
CA GLY A 749 -2.24 -27.57 -28.87
C GLY A 749 -2.72 -26.80 -30.09
N TYR A 750 -3.63 -25.86 -29.92
CA TYR A 750 -4.17 -25.10 -31.03
C TYR A 750 -3.42 -23.79 -31.31
N ARG A 751 -3.12 -23.52 -32.57
CA ARG A 751 -2.51 -22.26 -32.99
C ARG A 751 -3.60 -21.23 -33.29
N LYS A 752 -3.23 -19.96 -33.55
CA LYS A 752 -4.20 -18.91 -33.88
C LYS A 752 -4.95 -19.27 -35.17
N GLU A 753 -4.22 -19.81 -36.15
CA GLU A 753 -4.77 -20.20 -37.45
C GLU A 753 -5.69 -21.42 -37.39
N ASP A 754 -5.67 -22.17 -36.29
CA ASP A 754 -6.55 -23.31 -36.11
C ASP A 754 -7.96 -22.89 -35.67
N LEU A 755 -8.24 -21.58 -35.55
CA LEU A 755 -9.53 -21.09 -35.06
C LEU A 755 -10.14 -20.05 -35.97
N ARG A 756 -9.33 -19.29 -36.72
CA ARG A 756 -9.85 -18.27 -37.63
C ARG A 756 -10.29 -18.88 -38.96
N TYR A 757 -14.11 -19.04 -39.17
CA TYR A 757 -13.62 -19.81 -40.31
C TYR A 757 -13.63 -19.00 -41.59
PA TTP B . -4.14 -17.50 9.88
O1A TTP B . -4.54 -18.73 9.14
O2A TTP B . -4.10 -17.79 11.38
O3A TTP B . -5.21 -16.34 9.62
PB TTP B . -6.80 -16.31 9.61
O1B TTP B . -7.32 -16.81 8.32
O2B TTP B . -7.26 -14.85 9.80
O3B TTP B . -7.36 -17.18 10.82
PG TTP B . -7.65 -18.74 11.04
O1G TTP B . -9.08 -18.98 10.57
O2G TTP B . -7.42 -19.14 12.48
O3G TTP B . -6.71 -19.48 10.08
O5' TTP B . -2.71 -16.98 9.44
C1 PGE C . -6.71 45.20 4.92
O1 PGE C . -6.24 44.96 6.24
C2 PGE C . -7.85 44.30 4.56
O2 PGE C . -8.97 44.57 5.41
C3 PGE C . -9.51 43.38 5.98
C4 PGE C . -10.96 43.56 6.25
O4 PGE C . -14.13 42.60 4.33
C6 PGE C . -13.96 43.42 5.49
C5 PGE C . -12.92 44.47 5.26
O3 PGE C . -11.65 43.87 5.04
#